data_7BIS
#
_entry.id   7BIS
#
_cell.length_a   114.885
_cell.length_b   144.299
_cell.length_c   76.517
_cell.angle_alpha   90.000
_cell.angle_beta   116.260
_cell.angle_gamma   90.000
#
_symmetry.space_group_name_H-M   'C 1 2 1'
#
loop_
_entity.id
_entity.type
_entity.pdbx_description
1 polymer '3-hydroxydecanoyl-[acyl-carrier-protein] dehydratase'
2 non-polymer '5-[(3-chloranyl-4-fluoranyl-phenoxy)methyl]furan-2-carboxylic acid'
3 water water
#
_entity_poly.entity_id   1
_entity_poly.type   'polypeptide(L)'
_entity_poly.pdbx_seq_one_letter_code
;MTKQHAFTREDLLRCSRGELFGPGNAQLPAPNMLMIDRIVHISDVGGKYGKGELVAELDINPDLWFFACHFEGDPVMPGC
LGLDAMWQLVGFYLGWQGNPGRGRALGSGEVKFFGQVLPTAKKVTYNIHIKRTINRSLVLAIADGTVSVDGREIYSAEGL
RVGLFTSTDSF
;
_entity_poly.pdbx_strand_id   A,B,C,D,E
#
loop_
_chem_comp.id
_chem_comp.type
_chem_comp.name
_chem_comp.formula
TZQ non-polymer '5-[(3-chloranyl-4-fluoranyl-phenoxy)methyl]furan-2-carboxylic acid' 'C12 H8 Cl F O4'
#
# COMPACT_ATOMS: atom_id res chain seq x y z
N THR A 2 -9.31 -29.89 21.69
CA THR A 2 -9.28 -28.40 21.67
C THR A 2 -8.83 -27.87 23.05
N LYS A 3 -8.91 -28.68 24.11
CA LYS A 3 -8.51 -28.24 25.48
C LYS A 3 -6.98 -28.32 25.63
N GLN A 4 -6.34 -29.45 25.30
CA GLN A 4 -4.87 -29.63 25.59
C GLN A 4 -4.03 -29.07 24.41
N HIS A 5 -3.04 -28.22 24.70
CA HIS A 5 -2.33 -27.39 23.68
C HIS A 5 -0.85 -27.77 23.56
N ALA A 6 -0.40 -28.74 24.34
CA ALA A 6 0.96 -29.32 24.30
C ALA A 6 0.86 -30.79 24.70
N PHE A 7 1.82 -31.60 24.27
CA PHE A 7 1.80 -33.07 24.45
C PHE A 7 3.23 -33.53 24.71
N THR A 8 3.41 -34.34 25.75
CA THR A 8 4.70 -34.95 26.13
C THR A 8 4.92 -36.18 25.25
N ARG A 9 6.13 -36.71 25.25
CA ARG A 9 6.44 -37.97 24.53
C ARG A 9 5.48 -39.08 24.96
N GLU A 10 5.15 -39.16 26.25
CA GLU A 10 4.26 -40.22 26.80
C GLU A 10 2.88 -40.09 26.19
N ASP A 11 2.38 -38.88 26.02
CA ASP A 11 1.09 -38.61 25.33
C ASP A 11 1.18 -39.13 23.90
N LEU A 12 2.31 -38.94 23.23
CA LEU A 12 2.46 -39.30 21.80
C LEU A 12 2.52 -40.83 21.71
N LEU A 13 3.20 -41.48 22.65
CA LEU A 13 3.27 -42.96 22.72
C LEU A 13 1.87 -43.53 22.99
N ARG A 14 1.12 -42.89 23.89
CA ARG A 14 -0.30 -43.23 24.16
C ARG A 14 -1.08 -43.09 22.85
N CYS A 15 -0.88 -41.98 22.13
CA CYS A 15 -1.51 -41.74 20.80
C CYS A 15 -1.20 -42.91 19.84
N SER A 16 0.04 -43.39 19.81
CA SER A 16 0.51 -44.45 18.89
C SER A 16 -0.18 -45.78 19.22
N ARG A 17 -0.63 -45.96 20.45
CA ARG A 17 -1.30 -47.21 20.91
C ARG A 17 -2.81 -47.08 20.70
N GLY A 18 -3.31 -45.94 20.22
CA GLY A 18 -4.73 -45.75 19.90
C GLY A 18 -5.48 -45.21 21.10
N GLU A 19 -4.76 -44.92 22.19
CA GLU A 19 -5.32 -44.65 23.53
C GLU A 19 -5.49 -43.15 23.75
N LEU A 20 -5.12 -42.28 22.80
CA LEU A 20 -5.37 -40.83 22.93
C LEU A 20 -6.67 -40.44 22.23
N PHE A 21 -6.84 -40.82 20.96
CA PHE A 21 -8.09 -40.49 20.20
C PHE A 21 -9.03 -41.69 20.16
N GLY A 22 -8.61 -42.85 20.68
CA GLY A 22 -9.48 -44.04 20.79
C GLY A 22 -9.47 -44.87 19.51
N PRO A 23 -9.96 -46.13 19.56
CA PRO A 23 -9.80 -47.08 18.46
C PRO A 23 -10.48 -46.58 17.17
N GLY A 24 -9.85 -46.84 16.02
CA GLY A 24 -10.33 -46.44 14.69
C GLY A 24 -10.09 -44.97 14.37
N ASN A 25 -9.46 -44.22 15.29
CA ASN A 25 -9.17 -42.77 15.10
C ASN A 25 -7.67 -42.58 14.87
N ALA A 26 -7.24 -41.34 14.66
CA ALA A 26 -5.87 -41.02 14.22
C ALA A 26 -4.86 -41.59 15.23
N GLN A 27 -3.82 -42.24 14.73
CA GLN A 27 -2.69 -42.79 15.52
C GLN A 27 -1.41 -42.19 14.94
N LEU A 28 -0.49 -41.76 15.78
CA LEU A 28 0.91 -41.56 15.35
C LEU A 28 1.54 -42.93 15.20
N PRO A 29 2.64 -43.04 14.44
CA PRO A 29 3.41 -44.26 14.42
C PRO A 29 4.03 -44.44 15.81
N ALA A 30 4.33 -45.68 16.18
CA ALA A 30 5.20 -46.03 17.31
C ALA A 30 6.64 -45.93 16.85
N PRO A 31 7.64 -45.89 17.77
CA PRO A 31 9.03 -46.07 17.37
C PRO A 31 9.12 -47.39 16.60
N ASN A 32 9.95 -47.48 15.57
CA ASN A 32 10.93 -46.47 15.21
C ASN A 32 10.47 -45.55 14.05
N MET A 33 9.18 -45.45 13.76
CA MET A 33 8.66 -44.54 12.68
C MET A 33 8.20 -43.20 13.27
N LEU A 34 7.98 -43.11 14.60
CA LEU A 34 7.56 -41.85 15.26
C LEU A 34 8.67 -40.82 15.13
N MET A 35 8.42 -39.66 14.53
CA MET A 35 9.51 -38.68 14.23
C MET A 35 9.30 -37.38 15.01
N ILE A 36 8.56 -37.49 16.12
CA ILE A 36 8.25 -36.37 17.06
C ILE A 36 8.47 -36.84 18.51
N ASP A 37 9.12 -36.03 19.33
CA ASP A 37 9.26 -36.25 20.80
C ASP A 37 8.16 -35.49 21.52
N ARG A 38 7.87 -34.26 21.13
CA ARG A 38 6.82 -33.47 21.83
C ARG A 38 6.16 -32.48 20.88
N ILE A 39 4.91 -32.19 21.17
CA ILE A 39 4.15 -31.07 20.57
C ILE A 39 4.20 -29.91 21.57
N VAL A 40 5.01 -28.91 21.26
CA VAL A 40 5.20 -27.70 22.10
C VAL A 40 3.92 -26.86 22.04
N HIS A 41 3.22 -26.85 20.90
CA HIS A 41 2.04 -25.96 20.69
C HIS A 41 1.13 -26.57 19.62
N ILE A 42 -0.16 -26.56 19.88
CA ILE A 42 -1.20 -26.88 18.86
C ILE A 42 -2.41 -26.01 19.18
N SER A 43 -3.02 -25.49 18.11
CA SER A 43 -4.18 -24.58 18.19
C SER A 43 -4.95 -24.66 16.86
N ASP A 44 -6.25 -24.42 16.87
CA ASP A 44 -7.09 -24.39 15.64
C ASP A 44 -7.34 -22.95 15.20
N VAL A 45 -6.66 -21.97 15.80
CA VAL A 45 -6.70 -20.53 15.38
C VAL A 45 -5.26 -20.02 15.29
N GLY A 46 -5.09 -18.84 14.69
CA GLY A 46 -3.77 -18.26 14.39
C GLY A 46 -3.05 -19.06 13.33
N GLY A 47 -1.73 -19.06 13.37
CA GLY A 47 -0.84 -19.51 12.29
C GLY A 47 -0.95 -18.61 11.08
N LYS A 48 -0.13 -18.90 10.06
CA LYS A 48 -0.02 -18.15 8.79
C LYS A 48 -1.40 -17.88 8.16
N TYR A 49 -2.38 -18.77 8.32
CA TYR A 49 -3.68 -18.67 7.60
C TYR A 49 -4.85 -18.54 8.56
N GLY A 50 -4.60 -18.37 9.86
CA GLY A 50 -5.65 -18.24 10.89
C GLY A 50 -6.48 -19.50 11.05
N LYS A 51 -5.99 -20.65 10.57
CA LYS A 51 -6.71 -21.95 10.69
C LYS A 51 -5.93 -22.85 11.64
N GLY A 52 -4.94 -22.34 12.36
CA GLY A 52 -4.22 -23.16 13.35
C GLY A 52 -2.78 -23.42 13.00
N GLU A 53 -2.06 -24.01 13.95
CA GLU A 53 -0.59 -24.10 13.95
C GLU A 53 -0.21 -25.30 14.82
N LEU A 54 0.84 -26.03 14.44
CA LEU A 54 1.53 -26.97 15.35
C LEU A 54 3.00 -26.59 15.38
N VAL A 55 3.59 -26.63 16.56
CA VAL A 55 5.06 -26.58 16.76
C VAL A 55 5.43 -27.85 17.51
N ALA A 56 6.39 -28.59 17.00
CA ALA A 56 6.79 -29.90 17.55
C ALA A 56 8.31 -30.01 17.45
N GLU A 57 8.88 -30.91 18.24
CA GLU A 57 10.34 -31.06 18.38
C GLU A 57 10.69 -32.54 18.39
N LEU A 58 11.87 -32.83 17.87
CA LEU A 58 12.54 -34.14 17.93
C LEU A 58 13.95 -33.87 18.43
N ASP A 59 14.34 -34.48 19.56
CA ASP A 59 15.72 -34.35 20.09
C ASP A 59 16.62 -35.22 19.24
N ILE A 60 17.80 -34.72 18.90
CA ILE A 60 18.80 -35.49 18.12
C ILE A 60 19.91 -35.93 19.07
N ASN A 61 20.36 -37.17 18.94
CA ASN A 61 21.64 -37.63 19.53
C ASN A 61 22.27 -38.59 18.52
N PRO A 62 23.58 -38.85 18.61
CA PRO A 62 24.25 -39.67 17.61
C PRO A 62 23.77 -41.13 17.53
N ASP A 63 22.98 -41.62 18.49
CA ASP A 63 22.58 -43.05 18.58
C ASP A 63 21.21 -43.32 17.97
N LEU A 64 20.51 -42.32 17.45
CA LEU A 64 19.23 -42.57 16.72
C LEU A 64 19.52 -43.54 15.58
N TRP A 65 18.65 -44.54 15.41
CA TRP A 65 18.89 -45.73 14.56
C TRP A 65 19.21 -45.33 13.13
N PHE A 66 18.59 -44.28 12.61
CA PHE A 66 18.63 -43.96 11.15
C PHE A 66 20.01 -43.42 10.78
N PHE A 67 20.81 -42.98 11.74
CA PHE A 67 22.18 -42.46 11.45
C PHE A 67 23.10 -43.59 10.98
N ALA A 68 23.03 -44.76 11.59
CA ALA A 68 23.94 -45.91 11.34
C ALA A 68 23.77 -46.43 9.90
N CYS A 69 22.53 -46.55 9.43
CA CYS A 69 22.19 -47.15 8.10
C CYS A 69 22.03 -46.09 7.01
N HIS A 70 22.06 -44.79 7.32
CA HIS A 70 21.69 -43.71 6.37
C HIS A 70 22.60 -42.50 6.53
N PHE A 71 23.75 -42.48 5.86
CA PHE A 71 24.36 -43.61 5.18
C PHE A 71 25.58 -44.08 5.99
N GLU A 72 26.03 -45.31 5.77
CA GLU A 72 27.24 -45.86 6.47
C GLU A 72 28.44 -44.97 6.15
N GLY A 73 29.08 -44.40 7.16
CA GLY A 73 30.21 -43.45 7.01
C GLY A 73 29.75 -42.05 6.62
N ASP A 74 28.46 -41.81 6.51
CA ASP A 74 27.91 -40.49 6.03
C ASP A 74 26.54 -40.31 6.66
N PRO A 75 26.47 -40.21 8.01
CA PRO A 75 25.20 -40.22 8.70
C PRO A 75 24.45 -38.91 8.46
N VAL A 76 23.17 -39.01 8.10
CA VAL A 76 22.27 -37.84 7.89
C VAL A 76 20.84 -38.32 8.07
N MET A 77 20.04 -37.60 8.87
CA MET A 77 18.62 -37.99 9.06
C MET A 77 17.93 -38.01 7.72
N PRO A 78 17.27 -39.11 7.33
CA PRO A 78 16.56 -39.16 6.05
C PRO A 78 15.59 -37.99 5.92
N GLY A 79 15.68 -37.26 4.82
CA GLY A 79 14.74 -36.17 4.47
C GLY A 79 13.31 -36.68 4.49
N CYS A 80 13.10 -37.90 3.99
CA CYS A 80 11.75 -38.54 3.93
C CYS A 80 11.15 -38.65 5.33
N LEU A 81 11.96 -38.79 6.39
CA LEU A 81 11.43 -38.95 7.77
C LEU A 81 11.05 -37.59 8.36
N GLY A 82 11.75 -36.53 8.00
CA GLY A 82 11.39 -35.15 8.41
C GLY A 82 10.12 -34.71 7.71
N LEU A 83 10.00 -35.07 6.44
CA LEU A 83 8.75 -34.91 5.68
C LEU A 83 7.65 -35.70 6.39
N ASP A 84 7.92 -36.96 6.76
CA ASP A 84 6.87 -37.79 7.40
C ASP A 84 6.42 -37.16 8.71
N ALA A 85 7.33 -36.54 9.48
CA ALA A 85 6.95 -35.88 10.75
C ALA A 85 5.85 -34.85 10.46
N MET A 86 5.92 -34.17 9.32
CA MET A 86 4.95 -33.12 8.96
C MET A 86 3.61 -33.77 8.63
N TRP A 87 3.59 -34.91 7.94
CA TRP A 87 2.35 -35.69 7.71
C TRP A 87 1.80 -36.21 9.05
N GLN A 88 2.66 -36.75 9.90
CA GLN A 88 2.29 -37.26 11.26
C GLN A 88 1.58 -36.13 12.02
N LEU A 89 2.12 -34.90 11.99
CA LEU A 89 1.54 -33.76 12.73
C LEU A 89 0.21 -33.32 12.14
N VAL A 90 0.06 -33.33 10.82
CA VAL A 90 -1.23 -32.91 10.19
C VAL A 90 -2.30 -33.94 10.53
N GLY A 91 -1.93 -35.22 10.54
CA GLY A 91 -2.83 -36.32 10.96
C GLY A 91 -3.24 -36.15 12.41
N PHE A 92 -2.29 -35.80 13.27
CA PHE A 92 -2.54 -35.57 14.71
C PHE A 92 -3.56 -34.44 14.86
N TYR A 93 -3.41 -33.35 14.11
CA TYR A 93 -4.30 -32.18 14.14
C TYR A 93 -5.74 -32.61 13.83
N LEU A 94 -5.92 -33.42 12.78
CA LEU A 94 -7.27 -33.85 12.37
C LEU A 94 -7.92 -34.65 13.51
N GLY A 95 -7.18 -35.54 14.16
CA GLY A 95 -7.65 -36.34 15.31
C GLY A 95 -7.93 -35.46 16.51
N TRP A 96 -7.05 -34.50 16.78
CA TRP A 96 -7.14 -33.52 17.90
C TRP A 96 -8.41 -32.68 17.76
N GLN A 97 -8.85 -32.37 16.56
CA GLN A 97 -10.13 -31.65 16.32
C GLN A 97 -11.34 -32.55 16.58
N GLY A 98 -11.14 -33.84 16.83
CA GLY A 98 -12.20 -34.79 17.18
C GLY A 98 -12.82 -35.50 15.98
N ASN A 99 -12.22 -35.42 14.80
CA ASN A 99 -12.74 -36.16 13.62
C ASN A 99 -12.47 -37.64 13.80
N PRO A 100 -13.36 -38.54 13.34
CA PRO A 100 -13.09 -39.98 13.39
C PRO A 100 -12.32 -40.47 12.16
N GLY A 101 -11.66 -41.64 12.26
CA GLY A 101 -11.07 -42.34 11.11
C GLY A 101 -9.57 -42.44 11.24
N ARG A 102 -9.00 -43.34 10.44
CA ARG A 102 -7.55 -43.62 10.40
C ARG A 102 -6.88 -42.65 9.42
N GLY A 103 -5.70 -42.16 9.76
CA GLY A 103 -4.93 -41.16 8.99
C GLY A 103 -4.13 -41.81 7.87
N ARG A 104 -4.12 -41.17 6.70
CA ARG A 104 -3.19 -41.47 5.58
C ARG A 104 -2.68 -40.15 5.03
N ALA A 105 -1.38 -40.06 4.80
CA ALA A 105 -0.78 -39.02 3.94
C ALA A 105 -1.38 -39.17 2.53
N LEU A 106 -1.76 -38.07 1.90
CA LEU A 106 -2.28 -38.06 0.51
C LEU A 106 -1.28 -37.40 -0.43
N GLY A 107 -0.25 -36.73 0.08
CA GLY A 107 0.81 -36.18 -0.78
C GLY A 107 1.18 -34.77 -0.40
N SER A 108 1.73 -34.03 -1.36
CA SER A 108 2.12 -32.62 -1.15
C SER A 108 2.37 -31.96 -2.49
N GLY A 109 2.32 -30.64 -2.51
CA GLY A 109 2.94 -29.84 -3.59
C GLY A 109 4.43 -29.82 -3.32
N GLU A 110 5.07 -28.71 -3.54
CA GLU A 110 6.54 -28.64 -3.62
C GLU A 110 7.15 -28.98 -2.26
N VAL A 111 8.13 -29.89 -2.28
CA VAL A 111 9.02 -30.20 -1.13
C VAL A 111 10.44 -29.80 -1.52
N LYS A 112 11.12 -29.08 -0.63
CA LYS A 112 12.53 -28.68 -0.81
C LYS A 112 13.32 -29.08 0.43
N PHE A 113 14.45 -29.73 0.22
CA PHE A 113 15.48 -30.05 1.23
C PHE A 113 16.74 -29.24 0.88
N PHE A 114 17.08 -28.26 1.70
CA PHE A 114 18.20 -27.31 1.43
C PHE A 114 19.10 -27.26 2.68
N GLY A 115 19.10 -28.31 3.48
CA GLY A 115 20.05 -28.48 4.60
C GLY A 115 19.86 -29.86 5.21
N GLN A 116 20.59 -30.20 6.26
CA GLN A 116 20.62 -31.58 6.80
C GLN A 116 20.71 -31.57 8.32
N VAL A 117 20.22 -32.66 8.90
CA VAL A 117 20.31 -33.01 10.33
C VAL A 117 21.44 -34.02 10.48
N LEU A 118 22.56 -33.58 11.07
CA LEU A 118 23.74 -34.41 11.36
C LEU A 118 23.66 -34.92 12.78
N PRO A 119 24.37 -36.01 13.13
CA PRO A 119 24.32 -36.56 14.49
C PRO A 119 24.88 -35.59 15.56
N THR A 120 25.54 -34.50 15.15
CA THR A 120 25.99 -33.41 16.07
C THR A 120 24.89 -32.38 16.34
N ALA A 121 23.73 -32.45 15.70
CA ALA A 121 22.63 -31.48 15.96
C ALA A 121 22.02 -31.80 17.32
N LYS A 122 21.28 -30.86 17.90
CA LYS A 122 20.62 -31.01 19.22
C LYS A 122 19.13 -31.21 19.04
N LYS A 123 18.48 -30.38 18.23
CA LYS A 123 17.00 -30.38 18.19
C LYS A 123 16.48 -29.95 16.82
N VAL A 124 15.54 -30.75 16.33
CA VAL A 124 14.75 -30.47 15.10
C VAL A 124 13.41 -29.90 15.53
N THR A 125 13.01 -28.79 14.93
CA THR A 125 11.68 -28.17 15.17
C THR A 125 10.87 -28.20 13.88
N TYR A 126 9.62 -28.62 14.01
CA TYR A 126 8.61 -28.62 12.94
C TYR A 126 7.61 -27.50 13.20
N ASN A 127 7.33 -26.70 12.18
CA ASN A 127 6.28 -25.66 12.19
C ASN A 127 5.29 -26.00 11.09
N ILE A 128 4.03 -26.23 11.45
CA ILE A 128 2.94 -26.61 10.52
C ILE A 128 1.90 -25.50 10.55
N HIS A 129 1.54 -24.95 9.39
CA HIS A 129 0.45 -23.95 9.27
C HIS A 129 -0.70 -24.61 8.53
N ILE A 130 -1.80 -24.88 9.23
CA ILE A 130 -3.05 -25.39 8.61
C ILE A 130 -3.60 -24.31 7.67
N LYS A 131 -3.86 -24.71 6.44
CA LYS A 131 -4.32 -23.81 5.36
C LYS A 131 -5.83 -23.97 5.19
N ARG A 132 -6.35 -25.19 5.28
CA ARG A 132 -7.75 -25.52 4.94
C ARG A 132 -8.06 -26.92 5.48
N THR A 133 -9.27 -27.13 5.99
CA THR A 133 -9.86 -28.50 6.18
C THR A 133 -11.13 -28.59 5.33
N ILE A 134 -11.53 -29.80 4.97
CA ILE A 134 -12.65 -30.11 4.03
C ILE A 134 -13.41 -31.31 4.59
N ASN A 135 -14.74 -31.20 4.79
CA ASN A 135 -15.60 -32.25 5.44
C ASN A 135 -16.62 -32.78 4.44
N LEU A 138 -15.50 -36.75 3.37
CA LEU A 138 -14.08 -37.06 3.00
C LEU A 138 -13.19 -36.06 3.74
N VAL A 139 -12.88 -36.28 5.03
CA VAL A 139 -12.24 -35.28 5.92
C VAL A 139 -10.74 -35.20 5.61
N LEU A 140 -10.25 -34.04 5.18
CA LEU A 140 -8.81 -33.87 4.92
C LEU A 140 -8.34 -32.46 5.27
N ALA A 141 -7.05 -32.34 5.54
CA ALA A 141 -6.37 -31.08 5.88
C ALA A 141 -5.27 -30.82 4.85
N ILE A 142 -5.07 -29.55 4.54
CA ILE A 142 -4.00 -29.02 3.65
C ILE A 142 -3.19 -28.06 4.51
N ALA A 143 -1.86 -28.15 4.45
CA ALA A 143 -0.97 -27.41 5.35
C ALA A 143 0.35 -27.12 4.66
N ASP A 144 1.03 -26.07 5.12
CA ASP A 144 2.44 -25.79 4.78
C ASP A 144 3.26 -26.11 6.01
N GLY A 145 4.53 -26.46 5.81
CA GLY A 145 5.39 -26.95 6.89
C GLY A 145 6.83 -26.55 6.66
N THR A 146 7.56 -26.33 7.75
CA THR A 146 9.02 -26.15 7.71
C THR A 146 9.66 -27.10 8.73
N VAL A 147 10.84 -27.57 8.38
CA VAL A 147 11.74 -28.29 9.29
C VAL A 147 12.95 -27.39 9.49
N SER A 148 13.32 -27.23 10.75
CA SER A 148 14.49 -26.42 11.22
C SER A 148 15.34 -27.32 12.12
N VAL A 149 16.64 -27.07 12.11
CA VAL A 149 17.59 -27.76 13.04
C VAL A 149 18.41 -26.68 13.73
N ASP A 150 18.30 -26.61 15.05
CA ASP A 150 19.08 -25.67 15.91
C ASP A 150 18.93 -24.24 15.36
N GLY A 151 17.72 -23.83 14.98
CA GLY A 151 17.36 -22.45 14.58
C GLY A 151 17.37 -22.25 13.07
N ARG A 152 17.94 -23.19 12.32
CA ARG A 152 18.17 -23.01 10.87
C ARG A 152 17.09 -23.78 10.09
N GLU A 153 16.29 -23.08 9.27
CA GLU A 153 15.31 -23.71 8.34
C GLU A 153 16.07 -24.54 7.31
N ILE A 154 15.70 -25.79 7.11
CA ILE A 154 16.38 -26.68 6.14
C ILE A 154 15.40 -27.32 5.13
N TYR A 155 14.15 -27.59 5.51
CA TYR A 155 13.13 -28.11 4.56
C TYR A 155 11.89 -27.22 4.56
N SER A 156 11.22 -27.15 3.42
CA SER A 156 9.87 -26.56 3.28
C SER A 156 8.99 -27.54 2.50
N ALA A 157 7.72 -27.59 2.84
CA ALA A 157 6.70 -28.37 2.13
C ALA A 157 5.45 -27.50 1.97
N GLU A 158 4.94 -27.36 0.76
CA GLU A 158 3.67 -26.64 0.45
C GLU A 158 2.63 -27.67 0.08
N GLY A 159 1.41 -27.52 0.59
CA GLY A 159 0.26 -28.34 0.21
C GLY A 159 0.39 -29.75 0.72
N LEU A 160 0.95 -29.96 1.92
CA LEU A 160 0.86 -31.26 2.61
C LEU A 160 -0.63 -31.62 2.70
N ARG A 161 -0.99 -32.85 2.38
CA ARG A 161 -2.40 -33.32 2.47
C ARG A 161 -2.45 -34.58 3.30
N VAL A 162 -3.39 -34.64 4.25
CA VAL A 162 -3.67 -35.85 5.06
C VAL A 162 -5.19 -36.02 5.10
N GLY A 163 -5.67 -37.26 4.98
CA GLY A 163 -7.10 -37.61 5.09
C GLY A 163 -7.34 -38.65 6.16
N LEU A 164 -8.56 -38.65 6.70
CA LEU A 164 -9.08 -39.68 7.65
C LEU A 164 -10.05 -40.58 6.91
N PHE A 165 -9.94 -41.89 7.12
CA PHE A 165 -10.74 -42.93 6.44
C PHE A 165 -11.57 -43.66 7.50
N THR A 166 -12.90 -43.50 7.36
CA THR A 166 -14.04 -44.21 8.01
C THR A 166 -14.80 -45.02 6.96
N THR B 2 32.91 -13.23 1.57
CA THR B 2 32.63 -14.63 1.15
C THR B 2 33.44 -15.59 2.05
N LYS B 3 34.49 -15.10 2.74
CA LYS B 3 35.35 -15.93 3.63
C LYS B 3 34.65 -16.16 4.98
N GLN B 4 34.20 -15.10 5.67
CA GLN B 4 33.66 -15.23 7.07
C GLN B 4 32.16 -15.55 7.01
N HIS B 5 31.71 -16.59 7.72
CA HIS B 5 30.35 -17.19 7.59
C HIS B 5 29.52 -17.03 8.86
N ALA B 6 30.05 -16.36 9.88
CA ALA B 6 29.34 -16.01 11.12
C ALA B 6 29.94 -14.71 11.65
N PHE B 7 29.16 -13.93 12.40
CA PHE B 7 29.56 -12.59 12.90
C PHE B 7 29.01 -12.42 14.31
N THR B 8 29.88 -11.97 15.20
CA THR B 8 29.57 -11.69 16.63
C THR B 8 28.90 -10.33 16.70
N ARG B 9 28.32 -10.00 17.84
CA ARG B 9 27.75 -8.66 18.11
C ARG B 9 28.82 -7.59 17.83
N GLU B 10 30.06 -7.83 18.24
CA GLU B 10 31.18 -6.85 18.11
C GLU B 10 31.41 -6.56 16.61
N ASP B 11 31.37 -7.59 15.78
CA ASP B 11 31.46 -7.46 14.30
C ASP B 11 30.32 -6.56 13.80
N LEU B 12 29.11 -6.75 14.34
CA LEU B 12 27.90 -6.03 13.87
C LEU B 12 28.02 -4.56 14.30
N LEU B 13 28.51 -4.31 15.51
CA LEU B 13 28.72 -2.92 16.01
C LEU B 13 29.82 -2.24 15.17
N ARG B 14 30.87 -2.97 14.84
CA ARG B 14 31.94 -2.51 13.92
C ARG B 14 31.28 -2.15 12.58
N CYS B 15 30.42 -3.02 12.07
CA CYS B 15 29.65 -2.81 10.81
C CYS B 15 28.86 -1.50 10.89
N SER B 16 28.22 -1.23 12.03
CA SER B 16 27.35 -0.05 12.22
C SER B 16 28.19 1.24 12.20
N ARG B 17 29.48 1.15 12.52
CA ARG B 17 30.39 2.32 12.53
C ARG B 17 31.06 2.48 11.16
N GLY B 18 30.79 1.59 10.20
CA GLY B 18 31.30 1.71 8.82
C GLY B 18 32.61 0.95 8.66
N GLU B 19 33.05 0.30 9.74
CA GLU B 19 34.43 -0.23 9.89
C GLU B 19 34.49 -1.70 9.50
N LEU B 20 33.39 -2.32 9.06
CA LEU B 20 33.44 -3.72 8.57
C LEU B 20 33.56 -3.72 7.04
N PHE B 21 32.69 -3.01 6.33
CA PHE B 21 32.72 -2.96 4.84
C PHE B 21 33.39 -1.67 4.36
N GLY B 22 33.75 -0.76 5.28
CA GLY B 22 34.50 0.46 4.95
C GLY B 22 33.61 1.59 4.46
N PRO B 23 34.15 2.83 4.39
CA PRO B 23 33.32 4.01 4.13
C PRO B 23 32.60 3.95 2.76
N GLY B 24 31.36 4.44 2.72
CA GLY B 24 30.48 4.45 1.54
C GLY B 24 29.80 3.11 1.30
N ASN B 25 30.11 2.08 2.11
CA ASN B 25 29.53 0.72 1.94
C ASN B 25 28.52 0.42 3.04
N ALA B 26 27.92 -0.77 3.00
CA ALA B 26 26.73 -1.11 3.81
C ALA B 26 27.05 -0.94 5.29
N GLN B 27 26.15 -0.29 6.03
CA GLN B 27 26.18 -0.15 7.50
C GLN B 27 24.90 -0.75 8.08
N LEU B 28 24.99 -1.55 9.13
CA LEU B 28 23.82 -1.86 9.98
C LEU B 28 23.51 -0.62 10.79
N PRO B 29 22.27 -0.49 11.31
CA PRO B 29 21.98 0.52 12.32
C PRO B 29 22.82 0.21 13.57
N ALA B 30 23.13 1.23 14.34
CA ALA B 30 23.60 1.11 15.74
C ALA B 30 22.38 0.95 16.64
N PRO B 31 22.55 0.52 17.90
CA PRO B 31 21.47 0.58 18.88
C PRO B 31 20.97 2.01 18.94
N ASN B 32 19.65 2.22 19.11
CA ASN B 32 18.67 1.21 19.44
C ASN B 32 17.86 0.74 18.24
N MET B 33 18.35 0.91 17.00
CA MET B 33 17.64 0.45 15.78
C MET B 33 18.19 -0.91 15.33
N LEU B 34 19.38 -1.30 15.82
CA LEU B 34 19.99 -2.61 15.44
C LEU B 34 19.11 -3.73 16.01
N MET B 35 18.60 -4.64 15.18
CA MET B 35 17.62 -5.66 15.64
C MET B 35 18.22 -7.07 15.48
N ILE B 36 19.55 -7.14 15.48
CA ILE B 36 20.36 -8.39 15.39
C ILE B 36 21.48 -8.36 16.45
N ASP B 37 21.70 -9.48 17.15
CA ASP B 37 22.85 -9.68 18.08
C ASP B 37 23.96 -10.41 17.33
N ARG B 38 23.63 -11.43 16.55
CA ARG B 38 24.68 -12.19 15.83
C ARG B 38 24.11 -12.81 14.55
N ILE B 39 25.00 -12.98 13.57
CA ILE B 39 24.74 -13.79 12.35
C ILE B 39 25.37 -15.15 12.59
N VAL B 40 24.53 -16.15 12.83
CA VAL B 40 24.94 -17.55 13.10
C VAL B 40 25.49 -18.15 11.80
N HIS B 41 24.94 -17.79 10.65
CA HIS B 41 25.32 -18.40 9.35
C HIS B 41 24.98 -17.44 8.20
N ILE B 42 25.93 -17.27 7.28
CA ILE B 42 25.69 -16.56 6.00
C ILE B 42 26.48 -17.28 4.91
N SER B 43 25.88 -17.41 3.74
CA SER B 43 26.44 -18.14 2.59
C SER B 43 25.78 -17.63 1.31
N ASP B 44 26.49 -17.66 0.17
CA ASP B 44 25.92 -17.19 -1.13
C ASP B 44 25.50 -18.40 -1.97
N VAL B 45 25.46 -19.61 -1.38
CA VAL B 45 24.95 -20.84 -2.04
C VAL B 45 23.99 -21.54 -1.07
N GLY B 46 23.24 -22.52 -1.57
CA GLY B 46 22.18 -23.19 -0.79
C GLY B 46 21.02 -22.24 -0.52
N GLY B 47 20.34 -22.44 0.60
CA GLY B 47 19.03 -21.82 0.89
C GLY B 47 17.97 -22.33 -0.05
N LYS B 48 16.73 -21.87 0.17
CA LYS B 48 15.50 -22.28 -0.58
C LYS B 48 15.72 -22.18 -2.09
N TYR B 49 16.54 -21.25 -2.59
CA TYR B 49 16.64 -20.95 -4.05
C TYR B 49 18.06 -21.16 -4.55
N GLY B 50 18.97 -21.68 -3.72
CA GLY B 50 20.37 -21.94 -4.09
C GLY B 50 21.15 -20.65 -4.33
N LYS B 51 20.64 -19.50 -3.87
CA LYS B 51 21.34 -18.21 -4.02
C LYS B 51 21.80 -17.72 -2.64
N GLY B 52 21.75 -18.56 -1.62
CA GLY B 52 22.29 -18.19 -0.29
C GLY B 52 21.23 -18.04 0.79
N GLU B 53 21.70 -17.82 2.01
CA GLU B 53 20.93 -17.95 3.26
C GLU B 53 21.62 -17.10 4.32
N LEU B 54 20.84 -16.46 5.19
CA LEU B 54 21.34 -15.93 6.48
C LEU B 54 20.48 -16.53 7.59
N VAL B 55 21.13 -16.87 8.69
CA VAL B 55 20.48 -17.17 9.98
C VAL B 55 21.08 -16.20 10.98
N ALA B 56 20.23 -15.50 11.71
CA ALA B 56 20.66 -14.49 12.71
C ALA B 56 19.77 -14.59 13.93
N GLU B 57 20.20 -14.00 15.03
CA GLU B 57 19.51 -14.10 16.34
C GLU B 57 19.54 -12.73 17.00
N LEU B 58 18.49 -12.48 17.77
CA LEU B 58 18.36 -11.35 18.70
C LEU B 58 17.95 -11.94 20.06
N ASP B 59 18.75 -11.71 21.10
CA ASP B 59 18.43 -12.15 22.47
C ASP B 59 17.35 -11.22 23.02
N ILE B 60 16.37 -11.78 23.71
CA ILE B 60 15.27 -11.00 24.34
C ILE B 60 15.50 -10.99 25.85
N ASN B 61 15.28 -9.85 26.50
CA ASN B 61 15.10 -9.78 27.97
C ASN B 61 14.03 -8.74 28.24
N PRO B 62 13.40 -8.77 29.44
CA PRO B 62 12.27 -7.87 29.71
C PRO B 62 12.60 -6.38 29.68
N ASP B 63 13.88 -5.99 29.67
CA ASP B 63 14.30 -4.56 29.79
C ASP B 63 14.56 -3.90 28.44
N LEU B 64 14.43 -4.61 27.32
CA LEU B 64 14.58 -3.98 25.98
C LEU B 64 13.59 -2.82 25.88
N TRP B 65 14.05 -1.68 25.36
CA TRP B 65 13.36 -0.37 25.43
C TRP B 65 11.96 -0.45 24.85
N PHE B 66 11.78 -1.22 23.77
CA PHE B 66 10.51 -1.17 22.97
C PHE B 66 9.37 -1.83 23.74
N PHE B 67 9.66 -2.60 24.79
CA PHE B 67 8.60 -3.27 25.60
C PHE B 67 7.79 -2.24 26.40
N ALA B 68 8.47 -1.25 27.00
CA ALA B 68 7.87 -0.28 27.94
C ALA B 68 6.84 0.61 27.21
N CYS B 69 7.17 1.06 25.99
CA CYS B 69 6.34 2.02 25.22
C CYS B 69 5.40 1.31 24.22
N HIS B 70 5.48 -0.01 24.07
CA HIS B 70 4.79 -0.73 22.98
C HIS B 70 4.26 -2.08 23.47
N PHE B 71 3.05 -2.11 24.05
CA PHE B 71 2.29 -0.97 24.51
C PHE B 71 2.30 -0.95 26.04
N GLU B 72 2.00 0.20 26.65
CA GLU B 72 1.93 0.34 28.13
C GLU B 72 0.90 -0.64 28.69
N GLY B 73 1.31 -1.50 29.60
CA GLY B 73 0.47 -2.57 30.17
C GLY B 73 0.27 -3.75 29.23
N ASP B 74 0.89 -3.76 28.04
CA ASP B 74 0.63 -4.79 27.00
C ASP B 74 1.88 -4.88 26.13
N PRO B 75 3.01 -5.30 26.71
CA PRO B 75 4.31 -5.22 26.03
C PRO B 75 4.39 -6.30 24.94
N VAL B 76 4.83 -5.90 23.76
CA VAL B 76 5.07 -6.79 22.60
C VAL B 76 6.08 -6.12 21.67
N MET B 77 7.10 -6.85 21.22
CA MET B 77 8.10 -6.27 20.30
C MET B 77 7.37 -5.81 19.05
N PRO B 78 7.56 -4.55 18.63
CA PRO B 78 6.95 -4.07 17.39
C PRO B 78 7.27 -4.99 16.21
N GLY B 79 6.23 -5.41 15.49
CA GLY B 79 6.36 -6.22 14.26
C GLY B 79 7.25 -5.52 13.27
N CYS B 80 7.14 -4.20 13.17
CA CYS B 80 7.92 -3.38 12.20
C CYS B 80 9.42 -3.54 12.47
N LEU B 81 9.85 -3.82 13.72
CA LEU B 81 11.29 -3.94 14.03
C LEU B 81 11.80 -5.33 13.63
N GLY B 82 10.98 -6.37 13.73
CA GLY B 82 11.35 -7.71 13.25
C GLY B 82 11.40 -7.75 11.74
N LEU B 83 10.46 -7.07 11.10
CA LEU B 83 10.50 -6.82 9.64
C LEU B 83 11.81 -6.08 9.30
N ASP B 84 12.15 -5.03 10.06
CA ASP B 84 13.37 -4.26 9.75
C ASP B 84 14.61 -5.15 9.88
N ALA B 85 14.65 -6.07 10.84
CA ALA B 85 15.80 -6.99 11.01
C ALA B 85 16.03 -7.74 9.69
N MET B 86 14.95 -8.09 8.98
CA MET B 86 15.05 -8.85 7.73
C MET B 86 15.62 -7.94 6.63
N TRP B 87 15.22 -6.66 6.58
CA TRP B 87 15.85 -5.67 5.66
C TRP B 87 17.32 -5.46 6.03
N GLN B 88 17.64 -5.30 7.31
CA GLN B 88 19.02 -5.12 7.84
C GLN B 88 19.87 -6.30 7.33
N LEU B 89 19.37 -7.53 7.42
CA LEU B 89 20.12 -8.75 7.02
C LEU B 89 20.34 -8.81 5.51
N VAL B 90 19.34 -8.44 4.71
CA VAL B 90 19.49 -8.49 3.23
C VAL B 90 20.51 -7.42 2.81
N GLY B 91 20.49 -6.25 3.45
CA GLY B 91 21.49 -5.19 3.25
C GLY B 91 22.88 -5.69 3.60
N PHE B 92 23.00 -6.40 4.72
CA PHE B 92 24.29 -6.95 5.20
C PHE B 92 24.83 -7.91 4.15
N TYR B 93 23.96 -8.77 3.61
CA TYR B 93 24.32 -9.76 2.56
C TYR B 93 24.94 -9.07 1.36
N LEU B 94 24.33 -7.98 0.89
CA LEU B 94 24.81 -7.29 -0.32
C LEU B 94 26.21 -6.72 -0.05
N GLY B 95 26.45 -6.14 1.13
CA GLY B 95 27.76 -5.62 1.56
C GLY B 95 28.79 -6.74 1.70
N TRP B 96 28.37 -7.85 2.30
CA TRP B 96 29.19 -9.07 2.52
C TRP B 96 29.66 -9.66 1.18
N GLN B 97 28.87 -9.56 0.12
CA GLN B 97 29.28 -10.02 -1.22
C GLN B 97 30.31 -9.05 -1.83
N GLY B 98 30.58 -7.91 -1.20
CA GLY B 98 31.63 -6.96 -1.63
C GLY B 98 31.12 -5.89 -2.57
N ASN B 99 29.80 -5.72 -2.70
CA ASN B 99 29.23 -4.64 -3.53
C ASN B 99 29.45 -3.30 -2.81
N PRO B 100 29.68 -2.19 -3.55
CA PRO B 100 29.79 -0.87 -2.92
C PRO B 100 28.42 -0.21 -2.73
N GLY B 101 28.33 0.75 -1.81
CA GLY B 101 27.15 1.60 -1.65
C GLY B 101 26.46 1.42 -0.30
N ARG B 102 25.65 2.40 0.07
CA ARG B 102 24.85 2.40 1.32
C ARG B 102 23.51 1.71 1.03
N GLY B 103 23.02 0.96 2.02
CA GLY B 103 21.77 0.19 1.96
C GLY B 103 20.53 1.06 2.19
N ARG B 104 19.47 0.76 1.45
CA ARG B 104 18.09 1.25 1.69
C ARG B 104 17.13 0.10 1.44
N ALA B 105 16.21 -0.14 2.36
CA ALA B 105 15.04 -1.00 2.10
C ALA B 105 14.24 -0.39 0.94
N LEU B 106 13.78 -1.20 0.00
CA LEU B 106 12.95 -0.74 -1.13
C LEU B 106 11.51 -1.24 -1.00
N GLY B 107 11.24 -2.17 -0.09
CA GLY B 107 9.87 -2.63 0.16
C GLY B 107 9.78 -4.14 0.25
N SER B 108 8.60 -4.68 -0.01
CA SER B 108 8.33 -6.14 0.07
C SER B 108 7.00 -6.46 -0.57
N GLY B 109 6.83 -7.71 -0.97
CA GLY B 109 5.48 -8.26 -1.23
C GLY B 109 4.86 -8.58 0.11
N GLU B 110 4.14 -9.69 0.19
CA GLU B 110 3.26 -9.98 1.34
C GLU B 110 4.10 -10.09 2.64
N VAL B 111 3.66 -9.38 3.67
CA VAL B 111 4.14 -9.54 5.07
C VAL B 111 2.98 -10.05 5.92
N LYS B 112 3.23 -11.07 6.74
CA LYS B 112 2.27 -11.58 7.73
C LYS B 112 2.92 -11.63 9.10
N PHE B 113 2.21 -11.12 10.10
CA PHE B 113 2.52 -11.25 11.54
C PHE B 113 1.42 -12.12 12.17
N PHE B 114 1.76 -13.34 12.58
CA PHE B 114 0.78 -14.33 13.12
C PHE B 114 1.30 -14.86 14.46
N GLY B 115 2.11 -14.07 15.15
CA GLY B 115 2.53 -14.37 16.53
C GLY B 115 3.28 -13.19 17.09
N GLN B 116 3.75 -13.27 18.34
CA GLN B 116 4.38 -12.10 19.00
C GLN B 116 5.61 -12.52 19.79
N VAL B 117 6.51 -11.55 19.95
CA VAL B 117 7.68 -11.62 20.85
C VAL B 117 7.33 -10.88 22.15
N LEU B 118 7.17 -11.63 23.23
CA LEU B 118 6.80 -11.11 24.57
C LEU B 118 8.08 -10.95 25.37
N PRO B 119 8.07 -10.09 26.42
CA PRO B 119 9.27 -9.88 27.25
C PRO B 119 9.78 -11.13 27.96
N THR B 120 8.99 -12.20 28.00
CA THR B 120 9.35 -13.50 28.62
C THR B 120 10.06 -14.40 27.60
N ALA B 121 10.17 -14.02 26.32
CA ALA B 121 10.86 -14.84 25.32
C ALA B 121 12.36 -14.81 25.59
N LYS B 122 13.11 -15.75 25.03
CA LYS B 122 14.58 -15.84 25.17
C LYS B 122 15.27 -15.37 23.90
N LYS B 123 14.83 -15.85 22.75
CA LYS B 123 15.60 -15.65 21.51
C LYS B 123 14.71 -15.62 20.28
N VAL B 124 14.94 -14.61 19.45
CA VAL B 124 14.32 -14.44 18.12
C VAL B 124 15.34 -14.92 17.09
N THR B 125 14.91 -15.76 16.15
CA THR B 125 15.76 -16.23 15.04
C THR B 125 15.17 -15.75 13.71
N TYR B 126 16.03 -15.20 12.86
CA TYR B 126 15.68 -14.77 11.50
C TYR B 126 16.30 -15.75 10.50
N ASN B 127 15.49 -16.24 9.56
CA ASN B 127 15.93 -17.08 8.42
C ASN B 127 15.60 -16.31 7.13
N ILE B 128 16.63 -15.98 6.35
CA ILE B 128 16.53 -15.19 5.09
C ILE B 128 17.01 -16.07 3.94
N HIS B 129 16.18 -16.25 2.92
CA HIS B 129 16.53 -16.99 1.69
C HIS B 129 16.65 -15.99 0.54
N ILE B 130 17.87 -15.74 0.09
CA ILE B 130 18.12 -14.91 -1.11
C ILE B 130 17.51 -15.60 -2.33
N LYS B 131 16.71 -14.85 -3.07
CA LYS B 131 15.96 -15.33 -4.26
C LYS B 131 16.70 -14.91 -5.53
N ARG B 132 17.24 -13.70 -5.56
CA ARG B 132 17.85 -13.10 -6.77
C ARG B 132 18.64 -11.86 -6.36
N THR B 133 19.78 -11.62 -7.00
CA THR B 133 20.48 -10.30 -6.97
C THR B 133 20.56 -9.79 -8.43
N ILE B 134 20.70 -8.48 -8.60
CA ILE B 134 20.66 -7.76 -9.91
C ILE B 134 21.73 -6.67 -9.87
N ASN B 135 22.63 -6.63 -10.87
CA ASN B 135 23.79 -5.70 -10.95
C ASN B 135 23.64 -4.80 -12.18
N LEU B 138 22.41 -0.74 -10.76
CA LEU B 138 21.37 -0.66 -9.69
C LEU B 138 21.41 -1.96 -8.88
N VAL B 139 22.30 -2.08 -7.89
CA VAL B 139 22.56 -3.36 -7.16
C VAL B 139 21.42 -3.58 -6.15
N LEU B 140 20.67 -4.66 -6.28
CA LEU B 140 19.58 -4.97 -5.32
C LEU B 140 19.42 -6.48 -5.16
N ALA B 141 18.88 -6.87 -4.00
CA ALA B 141 18.58 -8.26 -3.63
C ALA B 141 17.09 -8.39 -3.37
N ILE B 142 16.54 -9.54 -3.72
CA ILE B 142 15.15 -9.98 -3.43
C ILE B 142 15.26 -11.24 -2.59
N ALA B 143 14.47 -11.35 -1.52
CA ALA B 143 14.61 -12.44 -0.53
C ALA B 143 13.28 -12.72 0.13
N ASP B 144 13.13 -13.95 0.63
CA ASP B 144 12.02 -14.35 1.52
C ASP B 144 12.61 -14.50 2.92
N GLY B 145 11.79 -14.26 3.94
CA GLY B 145 12.26 -14.27 5.32
C GLY B 145 11.21 -14.80 6.27
N THR B 146 11.67 -15.41 7.36
CA THR B 146 10.80 -15.78 8.51
C THR B 146 11.44 -15.24 9.77
N VAL B 147 10.58 -14.89 10.70
CA VAL B 147 10.95 -14.56 12.11
C VAL B 147 10.32 -15.67 12.95
N SER B 148 11.11 -16.22 13.86
CA SER B 148 10.72 -17.24 14.85
C SER B 148 11.11 -16.75 16.24
N VAL B 149 10.37 -17.17 17.26
CA VAL B 149 10.69 -16.88 18.68
C VAL B 149 10.65 -18.22 19.42
N ASP B 150 11.78 -18.61 20.00
CA ASP B 150 11.92 -19.84 20.83
C ASP B 150 11.36 -21.04 20.04
N GLY B 151 11.69 -21.14 18.74
CA GLY B 151 11.35 -22.30 17.88
C GLY B 151 10.08 -22.10 17.06
N ARG B 152 9.28 -21.09 17.38
CA ARG B 152 7.93 -20.94 16.79
C ARG B 152 7.97 -19.84 15.73
N GLU B 153 7.64 -20.18 14.48
CA GLU B 153 7.51 -19.21 13.37
C GLU B 153 6.37 -18.25 13.68
N ILE B 154 6.62 -16.93 13.59
CA ILE B 154 5.57 -15.92 13.89
C ILE B 154 5.38 -14.92 12.74
N TYR B 155 6.42 -14.59 11.96
CA TYR B 155 6.28 -13.67 10.80
C TYR B 155 6.82 -14.31 9.52
N SER B 156 6.24 -13.95 8.39
CA SER B 156 6.77 -14.30 7.04
C SER B 156 6.76 -13.04 6.18
N ALA B 157 7.77 -12.89 5.34
CA ALA B 157 7.85 -11.82 4.33
C ALA B 157 8.28 -12.42 3.00
N GLU B 158 7.54 -12.14 1.93
CA GLU B 158 7.92 -12.53 0.55
C GLU B 158 8.35 -11.27 -0.21
N GLY B 159 9.44 -11.38 -0.96
CA GLY B 159 9.89 -10.33 -1.87
C GLY B 159 10.43 -9.13 -1.11
N LEU B 160 11.12 -9.34 0.00
CA LEU B 160 11.92 -8.26 0.63
C LEU B 160 12.88 -7.74 -0.44
N ARG B 161 12.99 -6.41 -0.60
CA ARG B 161 13.90 -5.78 -1.58
C ARG B 161 14.78 -4.79 -0.84
N VAL B 162 16.09 -4.85 -1.10
CA VAL B 162 17.08 -3.89 -0.57
C VAL B 162 18.00 -3.50 -1.72
N GLY B 163 18.35 -2.22 -1.82
CA GLY B 163 19.30 -1.70 -2.80
C GLY B 163 20.50 -1.03 -2.13
N LEU B 164 21.63 -1.02 -2.85
CA LEU B 164 22.84 -0.24 -2.50
C LEU B 164 22.96 0.98 -3.42
N PHE B 165 23.27 2.13 -2.85
CA PHE B 165 23.35 3.43 -3.57
C PHE B 165 24.75 3.97 -3.38
N THR B 166 25.49 4.21 -4.46
CA THR B 166 26.80 4.92 -4.39
C THR B 166 26.53 6.43 -4.34
N SER B 167 25.29 6.86 -4.60
CA SER B 167 24.72 8.17 -4.17
C SER B 167 23.21 8.04 -3.90
N THR B 168 22.74 8.30 -2.67
CA THR B 168 21.31 8.47 -2.32
C THR B 168 20.90 9.94 -2.48
N ASP B 169 21.45 10.64 -3.49
CA ASP B 169 21.42 12.12 -3.65
C ASP B 169 20.09 12.64 -4.18
N SER B 170 19.42 11.90 -5.07
CA SER B 170 18.31 12.42 -5.92
C SER B 170 17.20 11.37 -6.08
N THR C 2 -16.72 8.81 16.64
CA THR C 2 -17.36 9.27 15.38
C THR C 2 -17.62 10.78 15.45
N LYS C 3 -17.65 11.38 16.65
CA LYS C 3 -17.89 12.83 16.86
C LYS C 3 -16.61 13.63 16.56
N GLN C 4 -15.46 13.29 17.17
CA GLN C 4 -14.21 14.10 17.06
C GLN C 4 -13.41 13.66 15.82
N HIS C 5 -13.02 14.62 14.96
CA HIS C 5 -12.46 14.37 13.60
C HIS C 5 -11.00 14.81 13.47
N ALA C 6 -10.39 15.28 14.55
CA ALA C 6 -8.95 15.64 14.61
C ALA C 6 -8.49 15.39 16.04
N PHE C 7 -7.20 15.12 16.24
CA PHE C 7 -6.62 14.76 17.54
C PHE C 7 -5.24 15.42 17.66
N THR C 8 -5.01 16.08 18.79
CA THR C 8 -3.73 16.73 19.14
C THR C 8 -2.78 15.65 19.65
N ARG C 9 -1.51 15.98 19.76
CA ARG C 9 -0.50 15.10 20.38
C ARG C 9 -0.97 14.65 21.77
N GLU C 10 -1.57 15.54 22.56
CA GLU C 10 -2.03 15.26 23.95
C GLU C 10 -3.10 14.15 23.91
N ASP C 11 -4.01 14.23 22.94
CA ASP C 11 -5.03 13.18 22.71
C ASP C 11 -4.33 11.84 22.43
N LEU C 12 -3.26 11.86 21.62
CA LEU C 12 -2.57 10.62 21.18
C LEU C 12 -1.83 10.03 22.37
N LEU C 13 -1.21 10.89 23.21
CA LEU C 13 -0.50 10.45 24.44
C LEU C 13 -1.51 9.85 25.42
N ARG C 14 -2.69 10.49 25.54
CA ARG C 14 -3.80 9.97 26.35
C ARG C 14 -4.18 8.59 25.81
N CYS C 15 -4.31 8.46 24.48
CA CYS C 15 -4.62 7.18 23.79
C CYS C 15 -3.57 6.12 24.18
N SER C 16 -2.28 6.48 24.22
CA SER C 16 -1.17 5.54 24.50
C SER C 16 -1.25 5.04 25.95
N ARG C 17 -1.88 5.80 26.84
CA ARG C 17 -2.06 5.42 28.27
C ARG C 17 -3.35 4.62 28.47
N GLY C 18 -4.16 4.45 27.42
CA GLY C 18 -5.41 3.65 27.47
C GLY C 18 -6.59 4.51 27.84
N GLU C 19 -6.36 5.82 27.97
CA GLU C 19 -7.29 6.79 28.59
C GLU C 19 -8.13 7.50 27.54
N LEU C 20 -7.99 7.18 26.25
CA LEU C 20 -8.87 7.77 25.20
C LEU C 20 -10.01 6.81 24.88
N PHE C 21 -9.71 5.53 24.60
CA PHE C 21 -10.73 4.50 24.27
C PHE C 21 -11.03 3.64 25.49
N GLY C 22 -10.30 3.81 26.59
CA GLY C 22 -10.58 3.12 27.86
C GLY C 22 -9.96 1.73 27.93
N PRO C 23 -9.95 1.11 29.12
CA PRO C 23 -9.21 -0.14 29.34
C PRO C 23 -9.70 -1.28 28.43
N GLY C 24 -8.75 -2.10 27.95
CA GLY C 24 -8.99 -3.23 27.04
C GLY C 24 -9.15 -2.81 25.59
N ASN C 25 -9.13 -1.51 25.29
CA ASN C 25 -9.36 -1.00 23.91
C ASN C 25 -8.05 -0.47 23.30
N ALA C 26 -8.12 0.01 22.06
CA ALA C 26 -6.93 0.32 21.23
C ALA C 26 -6.05 1.33 21.94
N GLN C 27 -4.74 1.06 21.96
CA GLN C 27 -3.68 1.97 22.46
C GLN C 27 -2.69 2.24 21.33
N LEU C 28 -2.31 3.49 21.07
CA LEU C 28 -1.10 3.80 20.27
C LEU C 28 0.10 3.47 21.13
N PRO C 29 1.29 3.30 20.52
CA PRO C 29 2.52 3.24 21.28
C PRO C 29 2.74 4.61 21.94
N ALA C 30 3.44 4.61 23.06
CA ALA C 30 4.03 5.82 23.68
C ALA C 30 5.37 6.07 22.97
N PRO C 31 5.95 7.28 23.11
CA PRO C 31 7.33 7.52 22.68
C PRO C 31 8.21 6.48 23.36
N ASN C 32 9.25 5.97 22.68
CA ASN C 32 9.73 6.46 21.40
C ASN C 32 9.27 5.59 20.22
N MET C 33 8.18 4.82 20.36
CA MET C 33 7.62 4.03 19.21
C MET C 33 6.47 4.79 18.55
N LEU C 34 5.91 5.81 19.19
CA LEU C 34 4.81 6.62 18.60
C LEU C 34 5.35 7.38 17.38
N MET C 35 4.77 7.19 16.19
CA MET C 35 5.34 7.77 14.94
C MET C 35 4.36 8.76 14.34
N ILE C 36 3.48 9.31 15.16
CA ILE C 36 2.47 10.35 14.79
C ILE C 36 2.46 11.45 15.86
N ASP C 37 2.41 12.72 15.45
CA ASP C 37 2.24 13.89 16.35
C ASP C 37 0.77 14.28 16.39
N ARG C 38 0.07 14.26 15.26
CA ARG C 38 -1.37 14.65 15.26
C ARG C 38 -2.12 13.94 14.13
N ILE C 39 -3.41 13.75 14.36
CA ILE C 39 -4.39 13.33 13.33
C ILE C 39 -5.11 14.61 12.88
N VAL C 40 -4.78 15.07 11.70
CA VAL C 40 -5.36 16.27 11.07
C VAL C 40 -6.81 15.99 10.72
N HIS C 41 -7.13 14.77 10.30
CA HIS C 41 -8.50 14.39 9.86
C HIS C 41 -8.72 12.89 10.00
N ILE C 42 -9.87 12.49 10.53
CA ILE C 42 -10.35 11.09 10.51
C ILE C 42 -11.86 11.10 10.28
N SER C 43 -12.33 10.17 9.47
CA SER C 43 -13.75 10.04 9.08
C SER C 43 -14.02 8.58 8.70
N ASP C 44 -15.24 8.08 8.88
CA ASP C 44 -15.61 6.69 8.50
C ASP C 44 -16.41 6.71 7.19
N VAL C 45 -16.48 7.85 6.51
CA VAL C 45 -17.15 7.97 5.18
C VAL C 45 -16.22 8.73 4.24
N GLY C 46 -16.53 8.67 2.94
CA GLY C 46 -15.68 9.25 1.89
C GLY C 46 -14.36 8.50 1.79
N GLY C 47 -13.30 9.22 1.43
CA GLY C 47 -11.99 8.61 1.11
C GLY C 47 -12.11 7.83 -0.20
N LYS C 48 -10.99 7.27 -0.65
CA LYS C 48 -10.83 6.54 -1.93
C LYS C 48 -11.93 5.49 -2.11
N TYR C 49 -12.40 4.83 -1.03
CA TYR C 49 -13.29 3.65 -1.14
C TYR C 49 -14.61 3.88 -0.40
N GLY C 50 -14.87 5.11 0.05
CA GLY C 50 -16.11 5.47 0.76
C GLY C 50 -16.22 4.81 2.13
N LYS C 51 -15.12 4.28 2.66
CA LYS C 51 -15.08 3.67 4.00
C LYS C 51 -14.24 4.54 4.93
N GLY C 52 -13.91 5.77 4.54
CA GLY C 52 -13.20 6.69 5.44
C GLY C 52 -11.75 6.96 5.04
N GLU C 53 -11.09 7.81 5.85
CA GLU C 53 -9.76 8.38 5.57
C GLU C 53 -9.13 8.80 6.91
N LEU C 54 -7.82 8.68 7.06
CA LEU C 54 -7.06 9.41 8.10
C LEU C 54 -5.96 10.20 7.39
N VAL C 55 -5.75 11.42 7.86
CA VAL C 55 -4.56 12.23 7.53
C VAL C 55 -3.88 12.54 8.85
N ALA C 56 -2.59 12.27 8.93
CA ALA C 56 -1.80 12.47 10.16
C ALA C 56 -0.44 13.03 9.79
N GLU C 57 0.24 13.60 10.79
CA GLU C 57 1.55 14.26 10.59
C GLU C 57 2.49 13.87 11.70
N LEU C 58 3.76 13.78 11.34
CA LEU C 58 4.89 13.71 12.28
C LEU C 58 5.86 14.84 11.91
N ASP C 59 6.16 15.73 12.86
CA ASP C 59 7.15 16.82 12.65
C ASP C 59 8.54 16.18 12.69
N ILE C 60 9.41 16.61 11.79
CA ILE C 60 10.81 16.12 11.75
C ILE C 60 11.72 17.21 12.32
N ASN C 61 12.67 16.82 13.16
CA ASN C 61 13.80 17.68 13.54
C ASN C 61 15.03 16.79 13.61
N PRO C 62 16.25 17.35 13.53
CA PRO C 62 17.45 16.51 13.47
C PRO C 62 17.71 15.68 14.75
N ASP C 63 17.01 15.94 15.86
CA ASP C 63 17.29 15.34 17.19
C ASP C 63 16.40 14.13 17.47
N LEU C 64 15.48 13.76 16.58
CA LEU C 64 14.73 12.48 16.70
C LEU C 64 15.76 11.35 16.79
N TRP C 65 15.55 10.45 17.77
CA TRP C 65 16.53 9.43 18.22
C TRP C 65 17.01 8.57 17.05
N PHE C 66 16.12 8.25 16.11
CA PHE C 66 16.40 7.21 15.09
C PHE C 66 17.43 7.74 14.08
N PHE C 67 17.66 9.05 13.99
CA PHE C 67 18.62 9.63 13.02
C PHE C 67 20.07 9.28 13.43
N ALA C 68 20.38 9.32 14.72
CA ALA C 68 21.75 9.15 15.25
C ALA C 68 22.26 7.73 14.97
N CYS C 69 21.39 6.72 15.17
CA CYS C 69 21.76 5.29 15.06
C CYS C 69 21.45 4.71 13.67
N HIS C 70 20.78 5.45 12.78
CA HIS C 70 20.23 4.89 11.52
C HIS C 70 20.38 5.87 10.36
N PHE C 71 21.54 5.87 9.67
CA PHE C 71 22.76 5.20 10.06
C PHE C 71 23.77 6.26 10.53
N GLU C 72 24.79 5.85 11.29
CA GLU C 72 25.90 6.75 11.71
C GLU C 72 26.59 7.34 10.47
N GLY C 73 26.62 8.66 10.38
CA GLY C 73 27.15 9.41 9.23
C GLY C 73 26.22 9.41 8.03
N ASP C 74 25.02 8.84 8.14
CA ASP C 74 24.09 8.67 6.98
C ASP C 74 22.69 8.59 7.52
N PRO C 75 22.21 9.68 8.16
CA PRO C 75 20.94 9.63 8.90
C PRO C 75 19.76 9.59 7.93
N VAL C 76 18.84 8.67 8.18
CA VAL C 76 17.59 8.51 7.39
C VAL C 76 16.53 7.84 8.27
N MET C 77 15.33 8.38 8.30
CA MET C 77 14.23 7.77 9.12
C MET C 77 14.03 6.35 8.63
N PRO C 78 14.07 5.34 9.53
CA PRO C 78 13.82 3.96 9.13
C PRO C 78 12.46 3.87 8.39
N GLY C 79 12.47 3.25 7.21
CA GLY C 79 11.26 2.92 6.46
C GLY C 79 10.27 2.14 7.30
N CYS C 80 10.77 1.22 8.13
CA CYS C 80 9.95 0.36 9.01
C CYS C 80 9.12 1.21 9.96
N LEU C 81 9.58 2.40 10.37
CA LEU C 81 8.84 3.25 11.34
C LEU C 81 7.74 4.04 10.63
N GLY C 82 7.95 4.44 9.38
CA GLY C 82 6.90 5.09 8.59
C GLY C 82 5.80 4.10 8.23
N LEU C 83 6.20 2.88 7.91
CA LEU C 83 5.25 1.77 7.75
C LEU C 83 4.49 1.58 9.06
N ASP C 84 5.19 1.56 10.19
CA ASP C 84 4.50 1.34 11.50
C ASP C 84 3.47 2.45 11.77
N ALA C 85 3.78 3.70 11.39
CA ALA C 85 2.82 4.81 11.60
C ALA C 85 1.50 4.46 10.90
N MET C 86 1.56 3.81 9.75
CA MET C 86 0.36 3.45 8.96
C MET C 86 -0.41 2.36 9.69
N TRP C 87 0.26 1.40 10.30
CA TRP C 87 -0.40 0.37 11.17
C TRP C 87 -1.00 1.05 12.41
N GLN C 88 -0.26 1.94 13.05
CA GLN C 88 -0.70 2.70 14.25
C GLN C 88 -2.02 3.43 13.90
N LEU C 89 -2.10 4.06 12.75
CA LEU C 89 -3.29 4.84 12.32
C LEU C 89 -4.49 3.93 12.04
N VAL C 90 -4.28 2.77 11.43
CA VAL C 90 -5.40 1.84 11.11
C VAL C 90 -5.93 1.29 12.44
N GLY C 91 -5.06 0.99 13.40
CA GLY C 91 -5.43 0.57 14.75
C GLY C 91 -6.27 1.65 15.44
N PHE C 92 -5.83 2.90 15.31
CA PHE C 92 -6.52 4.05 15.93
C PHE C 92 -7.94 4.13 15.37
N TYR C 93 -8.09 3.98 14.07
CA TYR C 93 -9.39 4.01 13.36
C TYR C 93 -10.35 2.99 13.96
N LEU C 94 -9.88 1.76 14.16
CA LEU C 94 -10.75 0.68 14.66
C LEU C 94 -11.26 1.03 16.06
N GLY C 95 -10.40 1.58 16.92
CA GLY C 95 -10.75 2.01 18.28
C GLY C 95 -11.71 3.21 18.24
N TRP C 96 -11.43 4.16 17.35
CA TRP C 96 -12.25 5.38 17.14
C TRP C 96 -13.68 5.02 16.72
N GLN C 97 -13.87 3.94 15.97
CA GLN C 97 -15.21 3.46 15.58
C GLN C 97 -15.94 2.87 16.79
N GLY C 98 -15.26 2.67 17.93
CA GLY C 98 -15.86 2.18 19.18
C GLY C 98 -15.81 0.66 19.28
N ASN C 99 -14.99 -0.02 18.47
CA ASN C 99 -14.79 -1.49 18.61
C ASN C 99 -13.98 -1.75 19.87
N PRO C 100 -14.25 -2.86 20.60
CA PRO C 100 -13.41 -3.23 21.74
C PRO C 100 -12.17 -4.04 21.32
N GLY C 101 -11.15 -4.06 22.17
CA GLY C 101 -9.98 -4.94 22.00
C GLY C 101 -8.70 -4.17 21.77
N ARG C 102 -7.56 -4.82 22.01
CA ARG C 102 -6.21 -4.25 21.82
C ARG C 102 -5.77 -4.52 20.38
N GLY C 103 -5.07 -3.56 19.76
CA GLY C 103 -4.61 -3.61 18.36
C GLY C 103 -3.32 -4.42 18.20
N ARG C 104 -3.24 -5.14 17.09
CA ARG C 104 -2.00 -5.78 16.56
C ARG C 104 -1.97 -5.59 15.04
N ALA C 105 -0.83 -5.19 14.49
CA ALA C 105 -0.60 -5.27 13.03
C ALA C 105 -0.68 -6.75 12.61
N LEU C 106 -1.33 -7.06 11.49
CA LEU C 106 -1.40 -8.44 10.95
C LEU C 106 -0.58 -8.56 9.66
N GLY C 107 -0.19 -7.46 9.03
CA GLY C 107 0.71 -7.50 7.88
C GLY C 107 0.28 -6.54 6.79
N SER C 108 0.70 -6.77 5.56
CA SER C 108 0.36 -5.93 4.40
C SER C 108 0.63 -6.70 3.11
N GLY C 109 -0.02 -6.28 2.03
CA GLY C 109 0.42 -6.63 0.68
C GLY C 109 1.63 -5.77 0.35
N GLU C 110 1.70 -5.29 -0.88
CA GLU C 110 2.93 -4.67 -1.42
C GLU C 110 3.26 -3.39 -0.62
N VAL C 111 4.52 -3.29 -0.21
CA VAL C 111 5.13 -2.06 0.35
C VAL C 111 6.23 -1.61 -0.61
N LYS C 112 6.26 -0.33 -0.94
CA LYS C 112 7.35 0.30 -1.73
C LYS C 112 7.89 1.52 -0.98
N PHE C 113 9.21 1.58 -0.87
CA PHE C 113 9.97 2.74 -0.38
C PHE C 113 10.77 3.31 -1.56
N PHE C 114 10.38 4.48 -2.07
CA PHE C 114 10.99 5.10 -3.27
C PHE C 114 11.42 6.54 -2.90
N GLY C 115 11.69 6.81 -1.63
CA GLY C 115 12.27 8.10 -1.20
C GLY C 115 12.61 8.05 0.27
N GLN C 116 13.11 9.13 0.85
CA GLN C 116 13.63 9.11 2.23
C GLN C 116 13.30 10.38 2.98
N VAL C 117 13.25 10.26 4.30
CA VAL C 117 13.11 11.37 5.27
C VAL C 117 14.50 11.65 5.85
N LEU C 118 15.08 12.79 5.50
CA LEU C 118 16.38 13.27 6.02
C LEU C 118 16.14 14.17 7.23
N PRO C 119 17.15 14.35 8.12
CA PRO C 119 16.98 15.20 9.30
C PRO C 119 16.71 16.69 8.98
N THR C 120 16.92 17.09 7.72
CA THR C 120 16.63 18.46 7.23
C THR C 120 15.18 18.58 6.75
N ALA C 121 14.40 17.50 6.71
CA ALA C 121 12.96 17.59 6.32
C ALA C 121 12.19 18.25 7.48
N LYS C 122 10.99 18.75 7.20
CA LYS C 122 10.15 19.48 8.18
C LYS C 122 8.99 18.60 8.65
N LYS C 123 8.29 17.94 7.74
CA LYS C 123 7.04 17.26 8.10
C LYS C 123 6.76 16.05 7.21
N VAL C 124 6.42 14.95 7.87
CA VAL C 124 5.93 13.70 7.22
C VAL C 124 4.41 13.71 7.34
N THR C 125 3.72 13.44 6.24
CA THR C 125 2.25 13.31 6.22
C THR C 125 1.89 11.87 5.81
N TYR C 126 0.99 11.27 6.58
CA TYR C 126 0.41 9.95 6.31
C TYR C 126 -1.01 10.13 5.80
N ASN C 127 -1.34 9.47 4.69
CA ASN C 127 -2.71 9.39 4.14
C ASN C 127 -3.10 7.91 4.13
N ILE C 128 -4.16 7.56 4.85
CA ILE C 128 -4.68 6.17 4.99
C ILE C 128 -6.08 6.15 4.38
N HIS C 129 -6.33 5.26 3.44
CA HIS C 129 -7.67 5.04 2.86
C HIS C 129 -8.18 3.69 3.33
N ILE C 130 -9.17 3.68 4.21
CA ILE C 130 -9.83 2.44 4.67
C ILE C 130 -10.54 1.80 3.47
N LYS C 131 -10.27 0.53 3.26
CA LYS C 131 -10.78 -0.24 2.11
C LYS C 131 -11.96 -1.11 2.57
N ARG C 132 -11.86 -1.70 3.77
CA ARG C 132 -12.85 -2.67 4.28
C ARG C 132 -12.63 -2.86 5.78
N THR C 133 -13.70 -3.03 6.57
CA THR C 133 -13.65 -3.61 7.94
C THR C 133 -14.47 -4.90 7.94
N ILE C 134 -14.19 -5.80 8.88
CA ILE C 134 -14.71 -7.20 8.93
C ILE C 134 -14.90 -7.56 10.41
N ASN C 135 -16.09 -8.02 10.83
CA ASN C 135 -16.44 -8.34 12.25
C ASN C 135 -16.68 -9.84 12.39
N ARG C 136 -16.15 -10.60 11.41
CA ARG C 136 -16.40 -12.04 11.11
C ARG C 136 -15.85 -12.89 12.27
N SER C 137 -14.52 -13.02 12.37
CA SER C 137 -13.80 -13.90 13.33
C SER C 137 -13.19 -13.06 14.46
N LEU C 138 -12.52 -11.97 14.07
CA LEU C 138 -12.24 -10.81 14.94
C LEU C 138 -12.51 -9.58 14.08
N VAL C 139 -12.56 -8.41 14.72
CA VAL C 139 -12.62 -7.09 14.03
C VAL C 139 -11.26 -6.75 13.43
N LEU C 140 -11.21 -6.58 12.11
CA LEU C 140 -9.99 -6.10 11.43
C LEU C 140 -10.31 -5.12 10.31
N ALA C 141 -9.33 -4.28 10.00
CA ALA C 141 -9.40 -3.26 8.93
C ALA C 141 -8.32 -3.54 7.91
N ILE C 142 -8.66 -3.29 6.64
CA ILE C 142 -7.75 -3.38 5.48
C ILE C 142 -7.71 -1.98 4.86
N ALA C 143 -6.52 -1.50 4.50
CA ALA C 143 -6.32 -0.08 4.10
C ALA C 143 -5.14 0.03 3.16
N ASP C 144 -5.16 1.09 2.36
CA ASP C 144 -4.00 1.53 1.54
C ASP C 144 -3.46 2.80 2.20
N GLY C 145 -2.18 3.06 2.03
CA GLY C 145 -1.48 4.14 2.73
C GLY C 145 -0.39 4.74 1.85
N THR C 146 -0.16 6.05 2.03
CA THR C 146 1.04 6.73 1.49
C THR C 146 1.73 7.47 2.62
N VAL C 147 3.04 7.53 2.50
CA VAL C 147 3.88 8.41 3.32
C VAL C 147 4.47 9.44 2.37
N SER C 148 4.37 10.70 2.76
CA SER C 148 4.88 11.89 2.04
C SER C 148 5.78 12.70 2.97
N VAL C 149 6.83 13.31 2.42
CA VAL C 149 7.72 14.23 3.19
C VAL C 149 7.76 15.56 2.43
N ASP C 150 7.31 16.62 3.09
CA ASP C 150 7.32 18.00 2.55
C ASP C 150 6.66 18.01 1.16
N GLY C 151 5.53 17.31 1.02
CA GLY C 151 4.68 17.31 -0.19
C GLY C 151 4.93 16.12 -1.10
N ARG C 152 6.06 15.46 -0.95
CA ARG C 152 6.53 14.44 -1.93
C ARG C 152 6.22 13.02 -1.42
N GLU C 153 5.41 12.26 -2.17
CA GLU C 153 5.09 10.84 -1.88
C GLU C 153 6.39 10.03 -1.95
N ILE C 154 6.69 9.23 -0.93
CA ILE C 154 7.94 8.42 -0.89
C ILE C 154 7.65 6.94 -0.61
N TYR C 155 6.61 6.60 0.15
CA TYR C 155 6.21 5.18 0.38
C TYR C 155 4.75 4.97 -0.02
N SER C 156 4.46 3.75 -0.47
CA SER C 156 3.07 3.27 -0.66
C SER C 156 2.95 1.88 -0.04
N ALA C 157 1.79 1.61 0.54
CA ALA C 157 1.46 0.29 1.11
C ALA C 157 0.04 -0.08 0.67
N GLU C 158 -0.14 -1.29 0.13
CA GLU C 158 -1.46 -1.86 -0.22
C GLU C 158 -1.78 -2.98 0.76
N GLY C 159 -3.02 -3.03 1.23
CA GLY C 159 -3.51 -4.13 2.05
C GLY C 159 -2.89 -4.13 3.44
N LEU C 160 -2.64 -2.96 4.03
CA LEU C 160 -2.32 -2.89 5.48
C LEU C 160 -3.46 -3.58 6.23
N ARG C 161 -3.16 -4.45 7.20
CA ARG C 161 -4.16 -5.17 8.00
C ARG C 161 -3.84 -4.98 9.47
N VAL C 162 -4.86 -4.64 10.25
CA VAL C 162 -4.76 -4.52 11.73
C VAL C 162 -6.00 -5.19 12.31
N GLY C 163 -5.83 -5.92 13.42
CA GLY C 163 -6.92 -6.59 14.16
C GLY C 163 -6.97 -6.15 15.60
N LEU C 164 -8.16 -6.24 16.21
CA LEU C 164 -8.42 -6.03 17.66
C LEU C 164 -8.63 -7.38 18.32
N PHE C 165 -8.04 -7.57 19.48
CA PHE C 165 -8.06 -8.83 20.26
C PHE C 165 -8.71 -8.51 21.61
N THR C 166 -9.87 -9.12 21.86
CA THR C 166 -10.70 -8.79 23.03
C THR C 166 -10.18 -9.61 24.21
N SER C 167 -10.83 -9.45 25.35
CA SER C 167 -10.44 -9.98 26.67
C SER C 167 -11.65 -9.70 27.58
N THR C 168 -11.56 -10.02 28.87
CA THR C 168 -12.62 -9.72 29.88
C THR C 168 -12.56 -8.23 30.29
N ASP C 169 -11.53 -7.48 29.84
CA ASP C 169 -11.37 -6.01 30.02
C ASP C 169 -12.32 -5.22 29.12
N SER C 170 -12.67 -5.73 27.93
CA SER C 170 -13.66 -5.06 27.03
C SER C 170 -14.36 -6.06 26.11
N THR D 2 -39.22 18.16 -14.82
CA THR D 2 -39.31 16.84 -15.60
C THR D 2 -40.24 17.04 -16.80
N LYS D 3 -41.16 18.00 -16.74
CA LYS D 3 -42.03 18.38 -17.91
C LYS D 3 -41.21 19.15 -18.96
N GLN D 4 -40.16 19.89 -18.61
CA GLN D 4 -39.34 20.68 -19.58
C GLN D 4 -38.20 19.81 -20.13
N HIS D 5 -38.08 19.68 -21.46
CA HIS D 5 -37.19 18.70 -22.14
C HIS D 5 -36.08 19.38 -22.95
N ALA D 6 -36.02 20.71 -22.96
CA ALA D 6 -34.89 21.47 -23.56
C ALA D 6 -34.66 22.73 -22.73
N PHE D 7 -33.46 23.28 -22.77
CA PHE D 7 -33.04 24.47 -21.98
C PHE D 7 -32.17 25.37 -22.86
N THR D 8 -32.51 26.66 -22.88
CA THR D 8 -31.80 27.70 -23.64
C THR D 8 -30.57 28.10 -22.82
N ARG D 9 -29.65 28.84 -23.43
CA ARG D 9 -28.47 29.42 -22.75
C ARG D 9 -28.93 30.20 -21.52
N GLU D 10 -30.01 30.98 -21.66
CA GLU D 10 -30.53 31.88 -20.60
C GLU D 10 -30.93 31.02 -19.39
N ASP D 11 -31.58 29.87 -19.63
CA ASP D 11 -31.94 28.89 -18.58
C ASP D 11 -30.67 28.44 -17.85
N LEU D 12 -29.60 28.17 -18.61
CA LEU D 12 -28.36 27.59 -18.04
C LEU D 12 -27.65 28.67 -17.20
N LEU D 13 -27.67 29.92 -17.68
CA LEU D 13 -27.08 31.06 -16.94
C LEU D 13 -27.87 31.29 -15.64
N ARG D 14 -29.20 31.21 -15.74
CA ARG D 14 -30.10 31.28 -14.55
C ARG D 14 -29.70 30.14 -13.60
N CYS D 15 -29.52 28.93 -14.12
CA CYS D 15 -29.09 27.74 -13.33
C CYS D 15 -27.78 28.04 -12.58
N SER D 16 -26.83 28.68 -13.24
CA SER D 16 -25.48 28.98 -12.68
C SER D 16 -25.59 29.98 -11.54
N ARG D 17 -26.65 30.79 -11.50
CA ARG D 17 -26.86 31.81 -10.44
C ARG D 17 -27.67 31.21 -9.29
N GLY D 18 -28.11 29.96 -9.40
CA GLY D 18 -28.87 29.28 -8.33
C GLY D 18 -30.37 29.45 -8.49
N GLU D 19 -30.74 30.12 -9.58
CA GLU D 19 -32.12 30.65 -9.81
C GLU D 19 -32.94 29.66 -10.64
N LEU D 20 -32.42 28.49 -11.02
CA LEU D 20 -33.25 27.48 -11.74
C LEU D 20 -33.75 26.44 -10.74
N PHE D 21 -32.86 25.82 -9.97
CA PHE D 21 -33.24 24.76 -8.99
C PHE D 21 -33.31 25.35 -7.58
N GLY D 22 -32.92 26.62 -7.39
CA GLY D 22 -33.13 27.32 -6.11
C GLY D 22 -31.99 27.05 -5.13
N PRO D 23 -31.94 27.80 -4.01
CA PRO D 23 -30.80 27.76 -3.10
C PRO D 23 -30.56 26.35 -2.51
N GLY D 24 -29.27 25.98 -2.39
CA GLY D 24 -28.79 24.68 -1.87
C GLY D 24 -28.90 23.56 -2.89
N ASN D 25 -29.41 23.84 -4.11
CA ASN D 25 -29.60 22.80 -5.16
C ASN D 25 -28.58 22.97 -6.27
N ALA D 26 -28.66 22.10 -7.28
CA ALA D 26 -27.63 21.96 -8.32
C ALA D 26 -27.47 23.30 -9.05
N GLN D 27 -26.21 23.71 -9.25
CA GLN D 27 -25.80 24.89 -10.03
C GLN D 27 -24.85 24.40 -11.13
N LEU D 28 -25.01 24.85 -12.37
CA LEU D 28 -23.94 24.76 -13.37
C LEU D 28 -22.89 25.79 -13.02
N PRO D 29 -21.65 25.65 -13.52
CA PRO D 29 -20.68 26.73 -13.43
C PRO D 29 -21.20 27.91 -14.26
N ALA D 30 -20.78 29.11 -13.87
CA ALA D 30 -20.93 30.35 -14.67
C ALA D 30 -19.80 30.37 -15.69
N PRO D 31 -19.89 31.20 -16.75
CA PRO D 31 -18.72 31.47 -17.58
C PRO D 31 -17.60 31.95 -16.67
N ASN D 32 -16.35 31.57 -16.94
CA ASN D 32 -15.90 30.89 -18.14
C ASN D 32 -15.70 29.39 -17.93
N MET D 33 -16.32 28.77 -16.93
CA MET D 33 -16.23 27.28 -16.70
C MET D 33 -17.45 26.57 -17.32
N LEU D 34 -18.53 27.30 -17.63
CA LEU D 34 -19.73 26.71 -18.25
C LEU D 34 -19.38 26.19 -19.65
N MET D 35 -19.57 24.90 -19.94
CA MET D 35 -19.08 24.30 -21.20
C MET D 35 -20.27 23.78 -22.02
N ILE D 36 -21.44 24.37 -21.78
CA ILE D 36 -22.71 24.08 -22.51
C ILE D 36 -23.40 25.40 -22.87
N ASP D 37 -23.90 25.51 -24.10
CA ASP D 37 -24.76 26.64 -24.56
C ASP D 37 -26.23 26.24 -24.42
N ARG D 38 -26.59 25.02 -24.78
CA ARG D 38 -28.01 24.59 -24.69
C ARG D 38 -28.10 23.09 -24.47
N ILE D 39 -29.18 22.68 -23.80
CA ILE D 39 -29.63 21.27 -23.70
C ILE D 39 -30.75 21.11 -24.74
N VAL D 40 -30.43 20.46 -25.84
CA VAL D 40 -31.36 20.20 -26.97
C VAL D 40 -32.41 19.19 -26.50
N HIS D 41 -32.04 18.25 -25.64
CA HIS D 41 -32.96 17.17 -25.19
C HIS D 41 -32.53 16.63 -23.83
N ILE D 42 -33.47 16.43 -22.93
CA ILE D 42 -33.24 15.75 -21.63
C ILE D 42 -34.51 14.96 -21.32
N SER D 43 -34.35 13.74 -20.83
CA SER D 43 -35.45 12.79 -20.58
C SER D 43 -34.99 11.77 -19.54
N ASP D 44 -35.90 11.23 -18.73
CA ASP D 44 -35.58 10.19 -17.71
C ASP D 44 -35.93 8.79 -18.24
N VAL D 45 -36.25 8.67 -19.53
CA VAL D 45 -36.48 7.36 -20.22
C VAL D 45 -35.69 7.35 -21.53
N GLY D 46 -35.59 6.20 -22.17
CA GLY D 46 -34.74 6.02 -23.36
C GLY D 46 -33.26 6.08 -22.99
N GLY D 47 -32.45 6.47 -23.96
CA GLY D 47 -30.98 6.31 -23.93
C GLY D 47 -30.56 4.85 -23.95
N LYS D 48 -29.26 4.63 -24.03
CA LYS D 48 -28.56 3.33 -24.03
C LYS D 48 -29.13 2.35 -22.99
N TYR D 49 -29.59 2.80 -21.83
CA TYR D 49 -29.98 1.91 -20.70
C TYR D 49 -31.45 2.08 -20.33
N GLY D 50 -32.21 2.89 -21.08
CA GLY D 50 -33.62 3.20 -20.76
C GLY D 50 -33.78 3.98 -19.46
N LYS D 51 -32.71 4.60 -18.95
CA LYS D 51 -32.79 5.41 -17.70
C LYS D 51 -32.62 6.90 -18.04
N GLY D 52 -32.65 7.27 -19.31
CA GLY D 52 -32.60 8.69 -19.67
C GLY D 52 -31.39 9.08 -20.47
N GLU D 53 -31.42 10.30 -20.99
CA GLU D 53 -30.51 10.80 -22.04
C GLU D 53 -30.44 12.33 -21.91
N LEU D 54 -29.27 12.91 -22.14
CA LEU D 54 -29.14 14.35 -22.45
C LEU D 54 -28.42 14.49 -23.79
N VAL D 55 -28.90 15.42 -24.61
CA VAL D 55 -28.13 15.93 -25.77
C VAL D 55 -27.96 17.43 -25.54
N ALA D 56 -26.72 17.90 -25.64
CA ALA D 56 -26.37 19.31 -25.38
C ALA D 56 -25.35 19.77 -26.43
N GLU D 57 -25.19 21.08 -26.55
CA GLU D 57 -24.33 21.70 -27.59
C GLU D 57 -23.56 22.84 -26.96
N LEU D 58 -22.35 23.05 -27.45
CA LEU D 58 -21.52 24.24 -27.21
C LEU D 58 -21.10 24.78 -28.58
N ASP D 59 -21.41 26.04 -28.88
CA ASP D 59 -21.01 26.69 -30.14
C ASP D 59 -19.53 27.06 -30.03
N ILE D 60 -18.77 26.84 -31.10
CA ILE D 60 -17.32 27.18 -31.15
C ILE D 60 -17.13 28.42 -32.01
N ASN D 61 -16.27 29.34 -31.58
CA ASN D 61 -15.73 30.40 -32.46
C ASN D 61 -14.27 30.60 -32.08
N PRO D 62 -13.45 31.22 -32.95
CA PRO D 62 -12.02 31.32 -32.70
C PRO D 62 -11.64 32.14 -31.46
N ASP D 63 -12.57 32.90 -30.87
CA ASP D 63 -12.28 33.88 -29.78
C ASP D 63 -12.55 33.29 -28.40
N LEU D 64 -13.04 32.05 -28.28
CA LEU D 64 -13.21 31.41 -26.95
C LEU D 64 -11.86 31.43 -26.22
N TRP D 65 -11.87 31.82 -24.95
CA TRP D 65 -10.68 32.19 -24.15
C TRP D 65 -9.64 31.06 -24.16
N PHE D 66 -10.09 29.81 -24.12
CA PHE D 66 -9.19 28.65 -23.87
C PHE D 66 -8.29 28.41 -25.09
N PHE D 67 -8.64 28.93 -26.27
CA PHE D 67 -7.83 28.72 -27.51
C PHE D 67 -6.50 29.48 -27.40
N ALA D 68 -6.50 30.70 -26.87
CA ALA D 68 -5.33 31.61 -26.83
C ALA D 68 -4.22 31.02 -25.94
N CYS D 69 -4.59 30.46 -24.78
CA CYS D 69 -3.64 29.94 -23.76
C CYS D 69 -3.38 28.44 -23.90
N HIS D 70 -4.10 27.73 -24.77
CA HIS D 70 -4.10 26.24 -24.80
C HIS D 70 -4.14 25.72 -26.23
N PHE D 71 -2.99 25.58 -26.89
CA PHE D 71 -1.70 26.12 -26.49
C PHE D 71 -1.35 27.29 -27.41
N GLU D 72 -0.45 28.18 -26.98
CA GLU D 72 0.05 29.31 -27.81
C GLU D 72 0.64 28.77 -29.10
N GLY D 73 0.10 29.19 -30.25
CA GLY D 73 0.51 28.72 -31.58
C GLY D 73 -0.02 27.32 -31.92
N ASP D 74 -0.84 26.73 -31.04
CA ASP D 74 -1.38 25.36 -31.25
C ASP D 74 -2.70 25.27 -30.52
N PRO D 75 -3.71 26.05 -30.94
CA PRO D 75 -4.96 26.17 -30.20
C PRO D 75 -5.77 24.88 -30.33
N VAL D 76 -6.25 24.38 -29.19
CA VAL D 76 -7.13 23.18 -29.11
C VAL D 76 -7.93 23.26 -27.83
N MET D 77 -9.24 23.03 -27.91
CA MET D 77 -10.09 23.05 -26.69
C MET D 77 -9.56 22.02 -25.71
N PRO D 78 -9.28 22.40 -24.45
CA PRO D 78 -8.83 21.43 -23.46
C PRO D 78 -9.82 20.25 -23.36
N GLY D 79 -9.30 19.02 -23.48
CA GLY D 79 -10.09 17.79 -23.29
C GLY D 79 -10.74 17.79 -21.93
N CYS D 80 -10.06 18.31 -20.90
CA CYS D 80 -10.57 18.35 -19.51
C CYS D 80 -11.88 19.14 -19.45
N LEU D 81 -12.08 20.14 -20.32
CA LEU D 81 -13.30 20.98 -20.29
C LEU D 81 -14.46 20.26 -20.98
N GLY D 82 -14.20 19.46 -22.01
CA GLY D 82 -15.25 18.63 -22.66
C GLY D 82 -15.68 17.52 -21.73
N LEU D 83 -14.73 16.92 -21.03
CA LEU D 83 -15.02 15.97 -19.94
C LEU D 83 -15.87 16.69 -18.89
N ASP D 84 -15.48 17.90 -18.48
CA ASP D 84 -16.25 18.61 -17.43
C ASP D 84 -17.69 18.86 -17.90
N ALA D 85 -17.92 19.16 -19.18
CA ALA D 85 -19.27 19.37 -19.74
C ALA D 85 -20.13 18.15 -19.40
N MET D 86 -19.54 16.95 -19.47
CA MET D 86 -20.30 15.69 -19.23
C MET D 86 -20.64 15.59 -17.74
N TRP D 87 -19.73 15.97 -16.84
CA TRP D 87 -20.04 16.06 -15.38
C TRP D 87 -21.11 17.13 -15.12
N GLN D 88 -20.97 18.30 -15.74
CA GLN D 88 -21.95 19.42 -15.63
C GLN D 88 -23.35 18.88 -16.00
N LEU D 89 -23.46 18.13 -17.09
CA LEU D 89 -24.76 17.60 -17.60
C LEU D 89 -25.33 16.57 -16.64
N VAL D 90 -24.51 15.70 -16.08
CA VAL D 90 -25.02 14.65 -15.16
C VAL D 90 -25.51 15.33 -13.88
N GLY D 91 -24.80 16.35 -13.40
CA GLY D 91 -25.21 17.16 -12.24
C GLY D 91 -26.54 17.84 -12.52
N PHE D 92 -26.68 18.41 -13.72
CA PHE D 92 -27.93 19.08 -14.14
C PHE D 92 -29.10 18.09 -14.10
N TYR D 93 -28.89 16.88 -14.60
CA TYR D 93 -29.90 15.79 -14.64
C TYR D 93 -30.41 15.51 -13.23
N LEU D 94 -29.50 15.38 -12.28
CA LEU D 94 -29.90 15.05 -10.88
C LEU D 94 -30.79 16.16 -10.31
N GLY D 95 -30.45 17.44 -10.56
CA GLY D 95 -31.24 18.60 -10.13
C GLY D 95 -32.59 18.65 -10.85
N TRP D 96 -32.58 18.39 -12.16
CA TRP D 96 -33.77 18.36 -13.04
C TRP D 96 -34.78 17.30 -12.56
N GLN D 97 -34.32 16.19 -12.00
CA GLN D 97 -35.21 15.15 -11.43
C GLN D 97 -35.80 15.62 -10.10
N GLY D 98 -35.35 16.76 -9.56
CA GLY D 98 -35.92 17.37 -8.34
C GLY D 98 -35.22 16.91 -7.07
N ASN D 99 -34.04 16.31 -7.16
CA ASN D 99 -33.24 15.98 -5.95
C ASN D 99 -32.67 17.27 -5.36
N PRO D 100 -32.55 17.40 -4.03
CA PRO D 100 -31.89 18.55 -3.41
C PRO D 100 -30.37 18.35 -3.29
N GLY D 101 -29.60 19.43 -3.06
CA GLY D 101 -28.15 19.38 -2.78
C GLY D 101 -27.30 19.97 -3.90
N ARG D 102 -26.07 20.34 -3.58
CA ARG D 102 -25.08 20.91 -4.52
C ARG D 102 -24.32 19.76 -5.18
N GLY D 103 -23.97 19.93 -6.46
CA GLY D 103 -23.27 18.93 -7.30
C GLY D 103 -21.77 18.92 -7.07
N ARG D 104 -21.18 17.73 -7.07
CA ARG D 104 -19.73 17.49 -7.17
C ARG D 104 -19.49 16.30 -8.12
N ALA D 105 -18.58 16.44 -9.07
CA ALA D 105 -18.04 15.30 -9.84
C ALA D 105 -17.36 14.36 -8.83
N LEU D 106 -17.57 13.05 -8.96
CA LEU D 106 -16.91 12.03 -8.09
C LEU D 106 -15.88 11.22 -8.89
N GLY D 107 -15.88 11.31 -10.21
CA GLY D 107 -14.87 10.67 -11.04
C GLY D 107 -15.47 9.95 -12.23
N SER D 108 -14.77 8.95 -12.74
CA SER D 108 -15.21 8.17 -13.92
C SER D 108 -14.38 6.91 -14.06
N GLY D 109 -14.90 5.92 -14.77
CA GLY D 109 -14.06 4.84 -15.35
C GLY D 109 -13.33 5.40 -16.55
N GLU D 110 -13.20 4.63 -17.60
CA GLU D 110 -12.27 4.96 -18.71
C GLU D 110 -12.73 6.25 -19.42
N VAL D 111 -11.80 7.18 -19.63
CA VAL D 111 -11.96 8.36 -20.53
C VAL D 111 -10.99 8.23 -21.70
N LYS D 112 -11.47 8.46 -22.92
CA LYS D 112 -10.63 8.42 -24.15
C LYS D 112 -10.85 9.71 -24.94
N PHE D 113 -9.75 10.37 -25.33
CA PHE D 113 -9.71 11.51 -26.25
C PHE D 113 -9.02 11.03 -27.54
N PHE D 114 -9.76 10.94 -28.64
CA PHE D 114 -9.26 10.42 -29.95
C PHE D 114 -9.61 11.44 -31.04
N GLY D 115 -9.69 12.71 -30.67
CA GLY D 115 -9.84 13.80 -31.65
C GLY D 115 -9.80 15.13 -30.93
N GLN D 116 -9.92 16.24 -31.67
CA GLN D 116 -9.78 17.59 -31.09
C GLN D 116 -10.82 18.55 -31.66
N VAL D 117 -11.08 19.60 -30.89
CA VAL D 117 -11.90 20.77 -31.25
C VAL D 117 -10.91 21.90 -31.56
N LEU D 118 -10.83 22.27 -32.84
CA LEU D 118 -10.00 23.39 -33.34
C LEU D 118 -10.84 24.66 -33.40
N PRO D 119 -10.20 25.86 -33.39
CA PRO D 119 -10.95 27.13 -33.43
C PRO D 119 -11.79 27.32 -34.70
N THR D 120 -11.55 26.49 -35.73
CA THR D 120 -12.31 26.50 -37.01
C THR D 120 -13.56 25.62 -36.92
N ALA D 121 -13.78 24.90 -35.83
CA ALA D 121 -15.01 24.09 -35.66
C ALA D 121 -16.20 25.02 -35.45
N LYS D 122 -17.42 24.50 -35.63
CA LYS D 122 -18.68 25.27 -35.49
C LYS D 122 -19.40 24.84 -34.21
N LYS D 123 -19.53 23.55 -33.95
CA LYS D 123 -20.40 23.07 -32.86
C LYS D 123 -19.92 21.74 -32.27
N VAL D 124 -19.86 21.70 -30.95
CA VAL D 124 -19.59 20.48 -30.15
C VAL D 124 -20.94 19.95 -29.66
N THR D 125 -21.19 18.66 -29.80
CA THR D 125 -22.39 17.99 -29.24
C THR D 125 -21.98 16.96 -28.18
N TYR D 126 -22.68 16.96 -27.05
CA TYR D 126 -22.53 15.98 -25.95
C TYR D 126 -23.75 15.05 -25.93
N ASN D 127 -23.52 13.75 -25.86
CA ASN D 127 -24.57 12.72 -25.66
C ASN D 127 -24.26 11.99 -24.35
N ILE D 128 -25.18 12.03 -23.39
CA ILE D 128 -25.04 11.44 -22.03
C ILE D 128 -26.11 10.37 -21.87
N HIS D 129 -25.72 9.16 -21.51
CA HIS D 129 -26.63 8.02 -21.25
C HIS D 129 -26.62 7.71 -19.76
N ILE D 130 -27.67 8.05 -19.04
CA ILE D 130 -27.83 7.70 -17.61
C ILE D 130 -27.91 6.18 -17.47
N LYS D 131 -27.09 5.63 -16.60
CA LYS D 131 -26.99 4.18 -16.34
C LYS D 131 -27.77 3.83 -15.06
N ARG D 132 -27.68 4.65 -14.01
CA ARG D 132 -28.21 4.32 -12.67
C ARG D 132 -28.20 5.59 -11.82
N THR D 133 -29.23 5.81 -11.01
CA THR D 133 -29.26 6.82 -9.92
C THR D 133 -29.56 6.08 -8.62
N ILE D 134 -29.17 6.66 -7.48
CA ILE D 134 -29.20 6.04 -6.12
C ILE D 134 -29.59 7.12 -5.13
N ASN D 135 -30.65 6.93 -4.31
CA ASN D 135 -31.19 7.93 -3.35
C ASN D 135 -31.02 7.39 -1.92
N LEU D 138 -27.51 9.24 0.06
CA LEU D 138 -26.37 9.74 -0.75
C LEU D 138 -26.77 9.70 -2.23
N VAL D 139 -27.26 10.84 -2.73
CA VAL D 139 -27.85 10.94 -4.10
C VAL D 139 -26.72 10.99 -5.14
N LEU D 140 -26.63 10.01 -6.04
CA LEU D 140 -25.62 10.05 -7.13
C LEU D 140 -26.13 9.37 -8.39
N ALA D 141 -25.56 9.77 -9.52
CA ALA D 141 -25.84 9.26 -10.86
C ALA D 141 -24.55 8.68 -11.44
N ILE D 142 -24.70 7.63 -12.25
CA ILE D 142 -23.65 6.98 -13.06
C ILE D 142 -24.13 7.07 -14.51
N ALA D 143 -23.23 7.39 -15.44
CA ALA D 143 -23.58 7.65 -16.84
C ALA D 143 -22.40 7.35 -17.76
N ASP D 144 -22.68 7.11 -19.03
CA ASP D 144 -21.69 7.07 -20.13
C ASP D 144 -21.90 8.32 -20.98
N GLY D 145 -20.88 8.76 -21.70
CA GLY D 145 -20.94 10.01 -22.48
C GLY D 145 -20.04 9.99 -23.68
N THR D 146 -20.43 10.71 -24.74
CA THR D 146 -19.58 10.93 -25.94
C THR D 146 -19.60 12.42 -26.27
N VAL D 147 -18.50 12.89 -26.80
CA VAL D 147 -18.32 14.26 -27.30
C VAL D 147 -18.04 14.12 -28.79
N SER D 148 -18.72 14.93 -29.59
CA SER D 148 -18.62 15.01 -31.07
C SER D 148 -18.39 16.47 -31.47
N VAL D 149 -17.66 16.70 -32.56
CA VAL D 149 -17.45 18.08 -33.12
C VAL D 149 -17.82 17.99 -34.61
N ASP D 150 -18.81 18.78 -35.03
CA ASP D 150 -19.25 18.90 -36.45
C ASP D 150 -19.47 17.48 -37.03
N GLY D 151 -20.14 16.60 -36.29
CA GLY D 151 -20.56 15.25 -36.75
C GLY D 151 -19.58 14.15 -36.37
N ARG D 152 -18.36 14.49 -35.93
CA ARG D 152 -17.30 13.49 -35.71
C ARG D 152 -17.15 13.23 -34.20
N GLU D 153 -17.33 11.97 -33.77
CA GLU D 153 -17.05 11.52 -32.38
C GLU D 153 -15.57 11.69 -32.06
N ILE D 154 -15.23 12.32 -30.94
CA ILE D 154 -13.80 12.55 -30.55
C ILE D 154 -13.51 12.06 -29.12
N TYR D 155 -14.45 12.12 -28.16
CA TYR D 155 -14.21 11.60 -26.79
C TYR D 155 -15.29 10.60 -26.37
N SER D 156 -14.93 9.67 -25.49
CA SER D 156 -15.87 8.77 -24.80
C SER D 156 -15.50 8.73 -23.31
N ALA D 157 -16.48 8.53 -22.45
CA ALA D 157 -16.29 8.38 -21.00
C ALA D 157 -17.26 7.31 -20.51
N GLU D 158 -16.79 6.34 -19.73
CA GLU D 158 -17.63 5.29 -19.10
C GLU D 158 -17.61 5.53 -17.60
N GLY D 159 -18.77 5.40 -16.96
CA GLY D 159 -18.91 5.42 -15.49
C GLY D 159 -18.66 6.81 -14.94
N LEU D 160 -19.06 7.87 -15.63
CA LEU D 160 -19.11 9.23 -15.05
C LEU D 160 -19.95 9.15 -13.76
N ARG D 161 -19.46 9.72 -12.66
CA ARG D 161 -20.19 9.74 -11.37
C ARG D 161 -20.30 11.17 -10.88
N VAL D 162 -21.51 11.57 -10.48
CA VAL D 162 -21.77 12.89 -9.86
C VAL D 162 -22.67 12.64 -8.65
N GLY D 163 -22.40 13.35 -7.55
CA GLY D 163 -23.21 13.33 -6.33
C GLY D 163 -23.77 14.70 -6.00
N LEU D 164 -24.91 14.72 -5.29
CA LEU D 164 -25.51 15.91 -4.64
C LEU D 164 -25.26 15.84 -3.12
N PHE D 165 -24.85 16.95 -2.52
CA PHE D 165 -24.48 17.05 -1.09
C PHE D 165 -25.39 18.10 -0.47
N THR D 166 -26.16 17.73 0.56
CA THR D 166 -26.89 18.72 1.39
C THR D 166 -25.91 19.30 2.42
N SER D 167 -24.73 18.69 2.59
CA SER D 167 -23.53 19.35 3.21
C SER D 167 -22.24 18.88 2.55
N THR D 168 -21.51 19.76 1.84
CA THR D 168 -20.09 19.56 1.41
C THR D 168 -19.16 20.13 2.50
N ASP D 169 -19.52 19.96 3.78
CA ASP D 169 -18.91 20.66 4.96
C ASP D 169 -17.56 20.05 5.35
N SER D 170 -17.41 18.73 5.22
CA SER D 170 -16.10 18.03 5.15
C SER D 170 -16.10 17.12 3.92
N THR E 2 17.12 16.38 -18.57
CA THR E 2 17.60 15.39 -17.56
C THR E 2 18.51 16.10 -16.52
N LYS E 3 19.04 17.28 -16.83
CA LYS E 3 19.95 18.04 -15.92
C LYS E 3 19.12 18.78 -14.85
N GLN E 4 18.11 19.59 -15.24
CA GLN E 4 17.36 20.47 -14.29
C GLN E 4 16.20 19.67 -13.66
N HIS E 5 16.09 19.67 -12.33
CA HIS E 5 15.18 18.76 -11.55
C HIS E 5 14.08 19.55 -10.83
N ALA E 6 14.07 20.88 -10.93
CA ALA E 6 13.02 21.75 -10.37
C ALA E 6 12.85 22.93 -11.32
N PHE E 7 11.65 23.54 -11.33
CA PHE E 7 11.26 24.60 -12.28
C PHE E 7 10.39 25.61 -11.53
N THR E 8 10.73 26.89 -11.65
CA THR E 8 9.99 28.04 -11.07
C THR E 8 8.80 28.33 -11.98
N ARG E 9 7.88 29.16 -11.51
CA ARG E 9 6.73 29.62 -12.32
C ARG E 9 7.24 30.21 -13.64
N GLU E 10 8.32 31.00 -13.60
CA GLU E 10 8.87 31.70 -14.79
C GLU E 10 9.34 30.66 -15.80
N ASP E 11 9.96 29.58 -15.35
CA ASP E 11 10.34 28.43 -16.22
C ASP E 11 9.09 27.84 -16.88
N LEU E 12 7.98 27.73 -16.15
CA LEU E 12 6.74 27.10 -16.67
C LEU E 12 6.11 28.04 -17.69
N LEU E 13 6.15 29.35 -17.44
CA LEU E 13 5.65 30.37 -18.39
C LEU E 13 6.52 30.34 -19.67
N ARG E 14 7.83 30.22 -19.51
CA ARG E 14 8.78 30.03 -20.64
C ARG E 14 8.36 28.78 -21.41
N CYS E 15 8.08 27.68 -20.70
CA CYS E 15 7.60 26.41 -21.31
C CYS E 15 6.33 26.66 -22.14
N SER E 16 5.39 27.44 -21.63
CA SER E 16 4.09 27.71 -22.28
C SER E 16 4.29 28.52 -23.58
N ARG E 17 5.40 29.25 -23.68
CA ARG E 17 5.75 30.07 -24.88
C ARG E 17 6.52 29.23 -25.89
N GLY E 18 6.87 27.99 -25.58
CA GLY E 18 7.60 27.08 -26.49
C GLY E 18 9.11 27.26 -26.32
N GLU E 19 9.51 28.07 -25.34
CA GLU E 19 10.89 28.59 -25.20
C GLU E 19 11.68 27.74 -24.21
N LEU E 20 11.10 26.68 -23.65
CA LEU E 20 11.84 25.76 -22.77
C LEU E 20 12.27 24.54 -23.56
N PHE E 21 11.35 23.86 -24.26
CA PHE E 21 11.69 22.66 -25.07
C PHE E 21 11.83 23.00 -26.55
N GLY E 22 11.55 24.24 -26.94
CA GLY E 22 11.78 24.72 -28.32
C GLY E 22 10.61 24.40 -29.25
N PRO E 23 10.59 25.03 -30.44
CA PRO E 23 9.43 24.94 -31.34
C PRO E 23 9.11 23.50 -31.76
N GLY E 24 7.82 23.18 -31.85
CA GLY E 24 7.29 21.86 -32.22
C GLY E 24 7.32 20.86 -31.06
N ASN E 25 7.82 21.26 -29.89
CA ASN E 25 7.92 20.34 -28.71
C ASN E 25 6.89 20.72 -27.64
N ALA E 26 6.88 19.98 -26.54
CA ALA E 26 5.83 20.04 -25.51
C ALA E 26 5.73 21.46 -24.96
N GLN E 27 4.49 21.95 -24.83
CA GLN E 27 4.16 23.26 -24.22
C GLN E 27 3.16 23.00 -23.10
N LEU E 28 3.34 23.63 -21.94
CA LEU E 28 2.25 23.76 -20.96
C LEU E 28 1.27 24.79 -21.50
N PRO E 29 0.01 24.79 -21.01
CA PRO E 29 -0.88 25.90 -21.24
C PRO E 29 -0.29 27.15 -20.56
N ALA E 30 -0.63 28.33 -21.10
CA ALA E 30 -0.46 29.63 -20.44
C ALA E 30 -1.65 29.83 -19.50
N PRO E 31 -1.58 30.79 -18.55
CA PRO E 31 -2.75 31.19 -17.79
C PRO E 31 -3.83 31.60 -18.80
N ASN E 32 -5.10 31.32 -18.51
CA ASN E 32 -5.58 30.81 -17.24
C ASN E 32 -5.84 29.30 -17.26
N MET E 33 -5.24 28.53 -18.18
CA MET E 33 -5.38 27.04 -18.21
C MET E 33 -4.20 26.37 -17.48
N LEU E 34 -3.10 27.08 -17.25
CA LEU E 34 -1.93 26.52 -16.52
C LEU E 34 -2.34 26.23 -15.07
N MET E 35 -2.21 24.99 -14.60
CA MET E 35 -2.73 24.60 -13.27
C MET E 35 -1.58 24.20 -12.33
N ILE E 36 -0.38 24.68 -12.65
CA ILE E 36 0.86 24.47 -11.88
C ILE E 36 1.59 25.81 -11.67
N ASP E 37 2.08 26.06 -10.45
CA ASP E 37 2.97 27.20 -10.12
C ASP E 37 4.43 26.76 -10.20
N ARG E 38 4.76 25.58 -9.69
CA ARG E 38 6.17 25.13 -9.73
C ARG E 38 6.26 23.60 -9.76
N ILE E 39 7.33 23.10 -10.37
CA ILE E 39 7.74 21.69 -10.29
C ILE E 39 8.85 21.62 -9.24
N VAL E 40 8.51 21.09 -8.07
CA VAL E 40 9.43 20.94 -6.91
C VAL E 40 10.45 19.86 -7.26
N HIS E 41 10.07 18.82 -8.00
CA HIS E 41 10.96 17.68 -8.32
C HIS E 41 10.51 16.97 -9.58
N ILE E 42 11.44 16.65 -10.46
CA ILE E 42 11.21 15.76 -11.63
C ILE E 42 12.46 14.91 -11.82
N SER E 43 12.27 13.64 -12.15
CA SER E 43 13.34 12.64 -12.34
C SER E 43 12.81 11.53 -13.26
N ASP E 44 13.69 10.88 -14.03
CA ASP E 44 13.28 9.76 -14.92
C ASP E 44 13.68 8.42 -14.28
N VAL E 45 14.10 8.44 -13.02
CA VAL E 45 14.42 7.19 -12.25
C VAL E 45 13.73 7.28 -10.89
N GLY E 46 13.65 6.13 -10.20
CA GLY E 46 12.92 6.01 -8.94
C GLY E 46 11.43 6.17 -9.15
N GLY E 47 10.73 6.71 -8.15
CA GLY E 47 9.25 6.74 -8.14
C GLY E 47 8.71 5.33 -7.95
N LYS E 48 7.40 5.22 -7.81
CA LYS E 48 6.65 3.97 -7.54
C LYS E 48 7.07 2.84 -8.50
N TYR E 49 7.43 3.14 -9.77
CA TYR E 49 7.65 2.09 -10.79
C TYR E 49 9.07 2.15 -11.34
N GLY E 50 9.96 2.96 -10.75
CA GLY E 50 11.36 3.12 -11.18
C GLY E 50 11.48 3.79 -12.55
N LYS E 51 10.42 4.43 -13.02
CA LYS E 51 10.42 5.15 -14.32
C LYS E 51 10.32 6.65 -14.04
N GLY E 52 10.49 7.11 -12.81
CA GLY E 52 10.49 8.55 -12.50
C GLY E 52 9.26 9.03 -11.76
N GLU E 53 9.25 10.34 -11.49
CA GLU E 53 8.32 10.99 -10.54
C GLU E 53 8.29 12.49 -10.89
N LEU E 54 7.15 13.14 -10.75
CA LEU E 54 7.06 14.62 -10.65
C LEU E 54 6.31 14.97 -9.38
N VAL E 55 6.80 16.00 -8.70
CA VAL E 55 6.08 16.67 -7.60
C VAL E 55 5.95 18.13 -8.01
N ALA E 56 4.72 18.65 -7.97
CA ALA E 56 4.41 20.01 -8.41
C ALA E 56 3.40 20.62 -7.44
N GLU E 57 3.31 21.94 -7.45
CA GLU E 57 2.45 22.70 -6.52
C GLU E 57 1.70 23.78 -7.29
N LEU E 58 0.51 24.09 -6.80
CA LEU E 58 -0.31 25.26 -7.17
C LEU E 58 -0.68 25.96 -5.87
N ASP E 59 -0.33 27.23 -5.71
CA ASP E 59 -0.72 28.05 -4.53
C ASP E 59 -2.19 28.42 -4.71
N ILE E 60 -2.94 28.36 -3.63
CA ILE E 60 -4.37 28.73 -3.61
C ILE E 60 -4.52 30.08 -2.91
N ASN E 61 -5.34 30.96 -3.45
CA ASN E 61 -5.86 32.15 -2.73
C ASN E 61 -7.30 32.36 -3.20
N PRO E 62 -8.13 33.09 -2.43
CA PRO E 62 -9.55 33.19 -2.75
C PRO E 62 -9.87 33.88 -4.10
N ASP E 63 -8.88 34.53 -4.73
CA ASP E 63 -9.11 35.37 -5.94
C ASP E 63 -8.78 34.61 -7.24
N LEU E 64 -8.36 33.36 -7.18
CA LEU E 64 -8.18 32.55 -8.42
C LEU E 64 -9.52 32.52 -9.17
N TRP E 65 -9.46 32.70 -10.49
CA TRP E 65 -10.64 33.00 -11.35
C TRP E 65 -11.71 31.93 -11.22
N PHE E 66 -11.31 30.66 -11.07
CA PHE E 66 -12.26 29.52 -11.20
C PHE E 66 -13.17 29.46 -9.97
N PHE E 67 -12.81 30.11 -8.86
CA PHE E 67 -13.64 30.08 -7.63
C PHE E 67 -14.94 30.88 -7.84
N ALA E 68 -14.89 32.02 -8.51
CA ALA E 68 -16.02 32.96 -8.70
C ALA E 68 -17.10 32.30 -9.56
N CYS E 69 -16.75 31.58 -10.61
CA CYS E 69 -17.70 30.96 -11.58
C CYS E 69 -18.02 29.49 -11.25
N HIS E 70 -17.35 28.90 -10.27
CA HIS E 70 -17.43 27.43 -10.03
C HIS E 70 -17.43 27.11 -8.54
N PHE E 71 -18.59 27.13 -7.88
CA PHE E 71 -19.84 27.67 -8.38
C PHE E 71 -20.12 28.98 -7.64
N GLU E 72 -20.98 29.84 -8.18
CA GLU E 72 -21.37 31.12 -7.53
C GLU E 72 -21.98 30.83 -6.17
N GLY E 73 -21.39 31.41 -5.12
CA GLY E 73 -21.81 31.18 -3.72
C GLY E 73 -21.37 29.83 -3.18
N ASP E 74 -20.60 29.05 -3.94
CA ASP E 74 -20.19 27.67 -3.53
C ASP E 74 -18.88 27.36 -4.24
N PRO E 75 -17.82 28.12 -3.91
CA PRO E 75 -16.58 28.06 -4.66
C PRO E 75 -15.84 26.76 -4.35
N VAL E 76 -15.39 26.09 -5.41
CA VAL E 76 -14.57 24.85 -5.33
C VAL E 76 -13.76 24.75 -6.60
N MET E 77 -12.47 24.49 -6.48
CA MET E 77 -11.60 24.33 -7.69
C MET E 77 -12.18 23.19 -8.52
N PRO E 78 -12.44 23.41 -9.82
CA PRO E 78 -12.95 22.35 -10.69
C PRO E 78 -12.06 21.10 -10.62
N GLY E 79 -12.67 19.95 -10.38
CA GLY E 79 -11.96 18.66 -10.41
C GLY E 79 -11.28 18.45 -11.74
N CYS E 80 -11.93 18.85 -12.83
CA CYS E 80 -11.42 18.72 -14.21
C CYS E 80 -10.07 19.46 -14.36
N LEU E 81 -9.85 20.55 -13.61
CA LEU E 81 -8.60 21.35 -13.75
C LEU E 81 -7.46 20.68 -12.97
N GLY E 82 -7.75 20.03 -11.85
CA GLY E 82 -6.74 19.26 -11.09
C GLY E 82 -6.34 18.03 -11.88
N LEU E 83 -7.32 17.38 -12.51
CA LEU E 83 -7.06 16.29 -13.48
C LEU E 83 -6.17 16.85 -14.59
N ASP E 84 -6.51 18.00 -15.14
CA ASP E 84 -5.70 18.56 -16.26
C ASP E 84 -4.26 18.81 -15.81
N ALA E 85 -4.04 19.27 -14.58
CA ALA E 85 -2.67 19.52 -14.05
C ALA E 85 -1.86 18.23 -14.19
N MET E 86 -2.49 17.08 -13.96
CA MET E 86 -1.80 15.77 -14.03
C MET E 86 -1.45 15.44 -15.49
N TRP E 87 -2.34 15.72 -16.44
CA TRP E 87 -2.02 15.59 -17.90
C TRP E 87 -0.92 16.59 -18.30
N GLN E 88 -1.01 17.83 -17.84
CA GLN E 88 0.00 18.90 -18.09
C GLN E 88 1.37 18.38 -17.63
N LEU E 89 1.45 17.79 -16.45
CA LEU E 89 2.73 17.30 -15.87
C LEU E 89 3.28 16.10 -16.66
N VAL E 90 2.43 15.19 -17.11
CA VAL E 90 2.90 14.01 -17.88
C VAL E 90 3.42 14.49 -19.23
N GLY E 91 2.75 15.47 -19.85
CA GLY E 91 3.22 16.08 -21.10
C GLY E 91 4.57 16.76 -20.88
N PHE E 92 4.72 17.48 -19.77
CA PHE E 92 5.99 18.16 -19.41
C PHE E 92 7.12 17.14 -19.33
N TYR E 93 6.86 16.01 -18.67
CA TYR E 93 7.83 14.91 -18.50
C TYR E 93 8.32 14.42 -19.86
N LEU E 94 7.40 14.20 -20.81
CA LEU E 94 7.77 13.65 -22.14
C LEU E 94 8.71 14.64 -22.83
N GLY E 95 8.42 15.94 -22.76
CA GLY E 95 9.26 17.00 -23.33
C GLY E 95 10.60 17.11 -22.62
N TRP E 96 10.59 17.02 -21.30
CA TRP E 96 11.79 17.07 -20.42
C TRP E 96 12.76 15.94 -20.76
N GLN E 97 12.25 14.76 -21.15
CA GLN E 97 13.10 13.63 -21.58
C GLN E 97 13.72 13.90 -22.96
N GLY E 98 13.31 14.97 -23.65
CA GLY E 98 13.87 15.37 -24.96
C GLY E 98 13.14 14.74 -26.14
N ASN E 99 11.96 14.18 -25.97
CA ASN E 99 11.16 13.66 -27.10
C ASN E 99 10.61 14.84 -27.90
N PRO E 100 10.51 14.74 -29.24
CA PRO E 100 9.91 15.82 -30.04
C PRO E 100 8.38 15.67 -30.14
N GLY E 101 7.69 16.77 -30.45
CA GLY E 101 6.25 16.77 -30.74
C GLY E 101 5.44 17.54 -29.71
N ARG E 102 4.22 17.90 -30.10
CA ARG E 102 3.26 18.64 -29.24
C ARG E 102 2.44 17.62 -28.46
N GLY E 103 2.12 17.94 -27.20
CA GLY E 103 1.38 17.08 -26.26
C GLY E 103 -0.14 17.14 -26.48
N ARG E 104 -0.78 16.00 -26.35
CA ARG E 104 -2.24 15.85 -26.22
C ARG E 104 -2.52 14.80 -25.14
N ALA E 105 -3.43 15.10 -24.21
CA ALA E 105 -4.03 14.09 -23.32
C ALA E 105 -4.74 13.06 -24.20
N LEU E 106 -4.58 11.78 -23.89
CA LEU E 106 -5.27 10.68 -24.60
C LEU E 106 -6.32 10.02 -23.70
N GLY E 107 -6.31 10.30 -22.40
CA GLY E 107 -7.37 9.81 -21.51
C GLY E 107 -6.83 9.28 -20.20
N SER E 108 -7.58 8.42 -19.54
CA SER E 108 -7.16 7.79 -18.28
C SER E 108 -8.06 6.59 -17.98
N GLY E 109 -7.58 5.70 -17.14
CA GLY E 109 -8.45 4.73 -16.45
C GLY E 109 -9.16 5.46 -15.32
N GLU E 110 -9.30 4.82 -14.17
CA GLU E 110 -10.19 5.31 -13.11
C GLU E 110 -9.71 6.67 -12.57
N VAL E 111 -10.63 7.62 -12.49
CA VAL E 111 -10.44 8.91 -11.78
C VAL E 111 -11.42 8.94 -10.60
N LYS E 112 -10.92 9.31 -9.42
CA LYS E 112 -11.76 9.51 -8.21
C LYS E 112 -11.48 10.89 -7.62
N PHE E 113 -12.55 11.62 -7.33
CA PHE E 113 -12.55 12.89 -6.57
C PHE E 113 -13.24 12.65 -5.24
N PHE E 114 -12.51 12.64 -4.14
CA PHE E 114 -13.04 12.30 -2.78
C PHE E 114 -12.64 13.43 -1.81
N GLY E 115 -12.44 14.64 -2.33
CA GLY E 115 -12.26 15.83 -1.49
C GLY E 115 -12.22 17.05 -2.37
N GLN E 116 -12.05 18.24 -1.79
CA GLN E 116 -12.18 19.49 -2.55
C GLN E 116 -11.13 20.49 -2.11
N VAL E 117 -10.81 21.38 -3.05
CA VAL E 117 -9.95 22.57 -2.85
C VAL E 117 -10.88 23.78 -2.68
N LEU E 118 -10.97 24.30 -1.46
CA LEU E 118 -11.75 25.49 -1.09
C LEU E 118 -10.84 26.71 -1.18
N PRO E 119 -11.41 27.93 -1.36
CA PRO E 119 -10.62 29.15 -1.46
C PRO E 119 -9.79 29.49 -0.20
N THR E 120 -10.09 28.82 0.93
CA THR E 120 -9.37 28.97 2.21
C THR E 120 -8.15 28.04 2.26
N ALA E 121 -7.94 27.14 1.28
CA ALA E 121 -6.75 26.27 1.25
C ALA E 121 -5.51 27.13 0.93
N LYS E 122 -4.32 26.59 1.19
CA LYS E 122 -3.03 27.28 0.92
C LYS E 122 -2.36 26.71 -0.32
N LYS E 123 -2.29 25.38 -0.43
CA LYS E 123 -1.46 24.76 -1.47
C LYS E 123 -1.98 23.39 -1.90
N VAL E 124 -2.01 23.19 -3.21
CA VAL E 124 -2.32 21.91 -3.89
C VAL E 124 -0.98 21.30 -4.28
N THR E 125 -0.79 20.02 -4.00
CA THR E 125 0.39 19.26 -4.45
C THR E 125 -0.06 18.13 -5.38
N TYR E 126 0.63 17.99 -6.50
CA TYR E 126 0.47 16.90 -7.48
C TYR E 126 1.66 15.95 -7.36
N ASN E 127 1.38 14.66 -7.24
CA ASN E 127 2.40 13.59 -7.26
C ASN E 127 2.06 12.70 -8.46
N ILE E 128 2.98 12.60 -9.42
CA ILE E 128 2.84 11.79 -10.66
C ILE E 128 3.90 10.69 -10.62
N HIS E 129 3.48 9.44 -10.77
CA HIS E 129 4.41 8.28 -10.88
C HIS E 129 4.32 7.76 -12.31
N ILE E 130 5.38 7.97 -13.10
CA ILE E 130 5.47 7.41 -14.47
C ILE E 130 5.51 5.89 -14.38
N LYS E 131 4.65 5.24 -15.14
CA LYS E 131 4.46 3.77 -15.11
C LYS E 131 5.20 3.16 -16.31
N ARG E 132 5.14 3.80 -17.47
CA ARG E 132 5.62 3.23 -18.75
C ARG E 132 5.67 4.34 -19.79
N THR E 133 6.69 4.33 -20.66
CA THR E 133 6.72 5.10 -21.92
C THR E 133 6.82 4.12 -23.10
N ILE E 134 6.39 4.53 -24.28
CA ILE E 134 6.26 3.69 -25.50
C ILE E 134 6.70 4.53 -26.71
N ASN E 135 7.67 4.07 -27.52
CA ASN E 135 8.27 4.82 -28.66
C ASN E 135 7.96 4.10 -29.98
N LEU E 138 4.97 6.41 -32.18
CA LEU E 138 3.88 7.10 -31.41
C LEU E 138 4.32 7.19 -29.96
N VAL E 139 5.02 8.26 -29.56
CA VAL E 139 5.61 8.43 -28.20
C VAL E 139 4.49 8.78 -27.21
N LEU E 140 4.29 7.95 -26.19
CA LEU E 140 3.29 8.26 -25.14
C LEU E 140 3.76 7.75 -23.78
N ALA E 141 3.21 8.34 -22.72
CA ALA E 141 3.50 7.99 -21.32
C ALA E 141 2.19 7.58 -20.65
N ILE E 142 2.30 6.63 -19.73
CA ILE E 142 1.21 6.14 -18.84
C ILE E 142 1.67 6.39 -17.41
N ALA E 143 0.80 6.92 -16.57
CA ALA E 143 1.18 7.37 -15.20
C ALA E 143 0.00 7.25 -14.26
N ASP E 144 0.32 7.13 -12.98
CA ASP E 144 -0.68 7.29 -11.88
C ASP E 144 -0.38 8.62 -11.21
N GLY E 145 -1.42 9.24 -10.66
CA GLY E 145 -1.33 10.59 -10.09
C GLY E 145 -2.23 10.74 -8.89
N THR E 146 -1.81 11.58 -7.95
CA THR E 146 -2.65 12.02 -6.82
C THR E 146 -2.64 13.55 -6.77
N VAL E 147 -3.76 14.10 -6.34
CA VAL E 147 -3.89 15.52 -5.99
C VAL E 147 -4.15 15.57 -4.50
N SER E 148 -3.39 16.42 -3.80
CA SER E 148 -3.48 16.66 -2.34
C SER E 148 -3.67 18.16 -2.10
N VAL E 149 -4.37 18.51 -1.03
CA VAL E 149 -4.54 19.92 -0.59
C VAL E 149 -4.14 20.01 0.89
N ASP E 150 -3.10 20.79 1.18
CA ASP E 150 -2.56 21.04 2.54
C ASP E 150 -2.33 19.69 3.23
N GLY E 151 -1.72 18.74 2.53
CA GLY E 151 -1.28 17.43 3.07
C GLY E 151 -2.29 16.31 2.84
N ARG E 152 -3.53 16.64 2.47
CA ARG E 152 -4.63 15.65 2.42
C ARG E 152 -4.87 15.22 0.96
N GLU E 153 -4.72 13.93 0.66
CA GLU E 153 -5.02 13.33 -0.66
C GLU E 153 -6.52 13.48 -0.93
N ILE E 154 -6.89 14.01 -2.10
CA ILE E 154 -8.33 14.23 -2.45
C ILE E 154 -8.69 13.61 -3.80
N TYR E 155 -7.77 13.54 -4.77
CA TYR E 155 -8.03 12.86 -6.07
C TYR E 155 -6.99 11.78 -6.33
N SER E 156 -7.40 10.75 -7.07
CA SER E 156 -6.48 9.74 -7.65
C SER E 156 -6.86 9.52 -9.11
N ALA E 157 -5.86 9.28 -9.95
CA ALA E 157 -6.05 8.92 -11.36
C ALA E 157 -5.11 7.77 -11.69
N GLU E 158 -5.63 6.70 -12.29
CA GLU E 158 -4.83 5.53 -12.74
C GLU E 158 -4.84 5.54 -14.27
N GLY E 159 -3.68 5.30 -14.86
CA GLY E 159 -3.55 5.16 -16.32
C GLY E 159 -3.77 6.48 -17.05
N LEU E 160 -3.32 7.60 -16.48
CA LEU E 160 -3.22 8.85 -17.27
C LEU E 160 -2.39 8.56 -18.52
N ARG E 161 -2.84 8.99 -19.69
CA ARG E 161 -2.10 8.78 -20.97
C ARG E 161 -1.94 10.12 -21.65
N VAL E 162 -0.72 10.42 -22.10
CA VAL E 162 -0.40 11.63 -22.92
C VAL E 162 0.48 11.17 -24.08
N GLY E 163 0.24 11.70 -25.28
CA GLY E 163 1.02 11.42 -26.49
C GLY E 163 1.62 12.70 -27.08
N LEU E 164 2.74 12.55 -27.79
CA LEU E 164 3.42 13.63 -28.56
C LEU E 164 3.15 13.41 -30.05
N PHE E 165 2.80 14.48 -30.77
CA PHE E 165 2.45 14.47 -32.20
C PHE E 165 3.44 15.37 -32.92
N THR E 166 4.23 14.81 -33.82
CA THR E 166 5.27 15.54 -34.58
C THR E 166 4.59 16.22 -35.80
N SER E 167 3.30 15.94 -36.04
CA SER E 167 2.38 16.74 -36.91
C SER E 167 1.96 18.03 -36.19
OAA TZQ F . 2.19 -43.37 5.27
CAB TZQ F . 1.02 -43.16 4.87
OAC TZQ F . 0.34 -42.29 5.47
CAD TZQ F . 0.51 -43.70 3.73
OAH TZQ F . -0.65 -43.16 3.16
CAE TZQ F . 0.88 -44.71 2.92
CAF TZQ F . -0.04 -44.78 1.90
CAG TZQ F . -0.91 -43.80 2.09
CAI TZQ F . -2.09 -43.45 1.30
OAJ TZQ F . -3.17 -44.14 1.85
CAK TZQ F . -4.28 -44.26 1.13
CAP TZQ F . -4.69 -43.27 0.28
CAO TZQ F . -5.87 -43.45 -0.41
CLAQ TZQ F . -6.34 -42.16 -1.52
CAN TZQ F . -6.61 -44.62 -0.25
FAR TZQ F . -7.65 -44.80 -0.85
CAM TZQ F . -6.21 -45.62 0.62
CAL TZQ F . -5.02 -45.42 1.33
OAA TZQ G . 16.11 1.40 4.76
CAB TZQ G . 15.43 2.35 5.20
OAC TZQ G . 15.20 2.42 6.43
CAD TZQ G . 14.90 3.21 4.33
OAH TZQ G . 14.94 3.00 3.04
CAE TZQ G . 14.22 4.34 4.62
CAF TZQ G . 13.82 4.82 3.44
CAG TZQ G . 14.29 3.96 2.56
CAI TZQ G . 14.19 4.12 1.08
OAJ TZQ G . 15.39 4.84 0.83
CAK TZQ G . 15.56 5.30 -0.45
CAP TZQ G . 14.97 4.63 -1.53
CAO TZQ G . 15.16 5.11 -2.80
CLAQ TZQ G . 14.38 4.24 -4.06
CAN TZQ G . 15.91 6.24 -3.05
FAR TZQ G . 16.08 6.68 -4.31
CAM TZQ G . 16.51 6.92 -1.99
CAL TZQ G . 16.33 6.45 -0.69
OAA TZQ H . 3.65 -4.47 16.51
CAB TZQ H . 2.63 -5.20 16.31
OAC TZQ H . 1.59 -4.64 15.99
CAD TZQ H . 2.63 -6.56 16.33
OAH TZQ H . 1.56 -7.31 15.88
CAE TZQ H . 3.58 -7.40 16.74
CAF TZQ H . 3.14 -8.64 16.51
CAG TZQ H . 1.92 -8.53 15.99
CAI TZQ H . 1.00 -9.69 15.60
OAJ TZQ H . 0.30 -9.93 16.83
CAK TZQ H . -0.59 -10.93 16.90
CAP TZQ H . -0.97 -11.63 15.75
CAO TZQ H . -1.88 -12.66 15.84
CLAQ TZQ H . -2.34 -13.55 14.35
CAN TZQ H . -2.44 -13.00 17.06
FAR TZQ H . -3.38 -14.05 17.11
CAM TZQ H . -2.06 -12.30 18.22
CAL TZQ H . -1.13 -11.25 18.13
OAA TZQ I . -15.42 20.04 -9.99
CAB TZQ I . -15.97 19.32 -9.14
OAC TZQ I . -17.18 19.06 -9.30
CAD TZQ I . -15.32 18.80 -8.07
OAH TZQ I . -15.85 17.85 -7.35
CAE TZQ I . -14.10 19.14 -7.56
CAF TZQ I . -13.82 18.38 -6.49
CAG TZQ I . -14.87 17.58 -6.36
CAI TZQ I . -15.07 16.53 -5.27
OAJ TZQ I . -16.08 17.04 -4.42
CAK TZQ I . -16.28 16.52 -3.22
CAP TZQ I . -16.40 15.16 -3.04
CAO TZQ I . -16.66 14.72 -1.74
CLAQ TZQ I . -16.78 13.19 -1.63
CAN TZQ I . -16.79 15.60 -0.64
FAR TZQ I . -17.01 15.18 0.66
CAM TZQ I . -16.66 16.95 -0.85
CAL TZQ I . -16.42 17.40 -2.15
OAA TZQ J . -4.72 17.69 -24.26
CAB TZQ J . -5.81 18.11 -24.64
OAC TZQ J . -6.23 19.12 -24.05
CAD TZQ J . -6.50 17.45 -25.61
OAH TZQ J . -6.05 16.31 -26.15
CAE TZQ J . -7.71 17.75 -26.12
CAF TZQ J . -8.05 16.80 -27.02
CAG TZQ J . -7.06 15.94 -27.03
CAI TZQ J . -6.96 14.73 -27.91
OAJ TZQ J . -5.95 15.14 -28.87
CAK TZQ J . -5.78 14.34 -29.93
CAP TZQ J . -5.88 12.96 -29.78
CAO TZQ J . -5.71 12.16 -30.90
CLAQ TZQ J . -5.84 10.44 -30.77
CAN TZQ J . -5.44 12.69 -32.16
FAR TZQ J . -5.28 11.82 -33.21
CAM TZQ J . -5.34 14.08 -32.30
CAL TZQ J . -5.51 14.90 -31.18
#